data_6XUE
#
_entry.id   6XUE
#
_cell.length_a   94.019
_cell.length_b   232.175
_cell.length_c   54.830
_cell.angle_alpha   90.000
_cell.angle_beta   90.000
_cell.angle_gamma   90.000
#
_symmetry.space_group_name_H-M   'P 21 21 2'
#
loop_
_entity.id
_entity.type
_entity.pdbx_description
1 polymer "5'-nucleotidase"
2 non-polymer 'ZINC ION'
3 non-polymer 'CALCIUM ION'
4 non-polymer 'PHOSPHATE ION'
5 non-polymer 4-[[5-[7-chloranyl-3-(1~{H}-indazol-6-yl)benzotriazol-5-yl]pyrazol-1-yl]methyl]benzenecarbonitrile
6 water water
#
_entity_poly.entity_id   1
_entity_poly.type   'polypeptide(L)'
_entity_poly.pdbx_seq_one_letter_code
;WELTILHTNDVHSRLEQTSEDSSKCVDASRCMGGVARLFTKVQQIRRAEPNVLLLDAGDQYQGTIWFTVYKGAEVAHFMN
ALRYDAMALGNHEFDNGVEGLIEPLLKEAKFPILSANIKAKGPLASQISGLYLPYKVLPVGDEVVGIVGYTSKETPFLSN
PGTNLVFEDEITALQPEVDKLKTLNVNKIIALGHSGFEMDKLIAQKVRGVDVVVGGHSNTFLYTGNPPSKEVPAGKYPFI
VTSDDGRKVPVVQAYAFGKYLGYLKIEFDERGNVISSHGNPILLDSSIPEDPSIKADINKWRIKLDDYSTQELGKTIVYL
DGSSQSCRFRECNMGNLICDAMINNNLRHTDEMFWNHVSMCILNGGGIRSPIDERNDGTITWENLAAVLPFGGTFDLVQL
KGSTLKKAFEHSVHRYGQSTGEFLQVGGIHVVYDLSRKPGDRVVKLDVLCTKCRVPSYDPLKMDEVYKVILPNFLANGGD
GFQMIKDELLRHDSGDQDINVVSTYISKMKVIYPAVEGRIKFSGGGGAGGGGHHHHHH
;
_entity_poly.pdbx_strand_id   A,B
#
# COMPACT_ATOMS: atom_id res chain seq x y z
N TRP A 1 -0.32 -54.33 30.73
CA TRP A 1 0.46 -53.31 31.43
C TRP A 1 0.11 -51.96 30.84
N GLU A 2 -0.28 -51.01 31.71
CA GLU A 2 -0.72 -49.68 31.26
C GLU A 2 0.34 -48.59 31.41
N LEU A 3 0.48 -47.74 30.38
CA LEU A 3 1.41 -46.61 30.37
C LEU A 3 0.71 -45.31 29.96
N THR A 4 0.99 -44.21 30.67
CA THR A 4 0.50 -42.88 30.31
C THR A 4 1.65 -42.04 29.82
N ILE A 5 1.55 -41.57 28.56
CA ILE A 5 2.55 -40.69 27.97
C ILE A 5 1.98 -39.27 27.95
N LEU A 6 2.68 -38.37 28.66
CA LEU A 6 2.42 -36.94 28.69
C LEU A 6 3.49 -36.29 27.80
N HIS A 7 3.07 -35.40 26.87
CA HIS A 7 4.06 -34.86 25.93
C HIS A 7 3.84 -33.41 25.53
N THR A 8 4.95 -32.67 25.39
CA THR A 8 5.00 -31.28 24.90
C THR A 8 5.95 -31.19 23.69
N ASN A 9 5.75 -30.18 22.85
CA ASN A 9 6.63 -29.93 21.69
C ASN A 9 6.45 -28.47 21.28
N ASP A 10 7.55 -27.88 20.74
CA ASP A 10 7.60 -26.50 20.24
C ASP A 10 7.12 -25.48 21.27
N VAL A 11 7.57 -25.65 22.54
CA VAL A 11 7.19 -24.75 23.66
C VAL A 11 7.68 -23.31 23.35
N HIS A 12 8.84 -23.19 22.67
CA HIS A 12 9.42 -21.95 22.16
C HIS A 12 9.46 -20.79 23.17
N SER A 13 10.10 -21.04 24.35
CA SER A 13 10.32 -20.07 25.43
C SER A 13 9.04 -19.52 26.09
N ARG A 14 7.91 -20.24 25.98
CA ARG A 14 6.69 -19.74 26.63
C ARG A 14 6.67 -20.24 28.10
N LEU A 15 7.61 -19.70 28.93
CA LEU A 15 7.77 -20.03 30.37
C LEU A 15 6.59 -19.48 31.18
N GLU A 16 6.18 -18.24 30.88
CA GLU A 16 5.03 -17.61 31.54
C GLU A 16 3.76 -18.00 30.78
N GLN A 17 2.60 -17.90 31.44
CA GLN A 17 1.32 -18.12 30.77
C GLN A 17 1.18 -16.98 29.72
N THR A 18 0.48 -17.26 28.60
CA THR A 18 0.31 -16.34 27.47
C THR A 18 -1.18 -16.05 27.14
N SER A 19 -1.43 -15.18 26.13
CA SER A 19 -2.76 -14.92 25.56
C SER A 19 -3.06 -16.21 24.74
N GLU A 20 -4.33 -16.48 24.37
CA GLU A 20 -4.65 -17.72 23.64
C GLU A 20 -3.92 -17.88 22.28
N ASP A 21 -3.52 -16.74 21.61
CA ASP A 21 -2.77 -16.71 20.34
C ASP A 21 -1.26 -16.92 20.60
N SER A 22 -0.93 -17.10 21.90
CA SER A 22 0.38 -17.38 22.49
C SER A 22 1.33 -16.16 22.54
N SER A 23 0.78 -14.93 22.40
CA SER A 23 1.53 -13.69 22.57
C SER A 23 1.46 -13.31 24.07
N LYS A 24 2.02 -12.14 24.48
CA LYS A 24 2.09 -11.68 25.87
C LYS A 24 0.75 -11.74 26.64
N CYS A 25 0.80 -12.19 27.89
CA CYS A 25 -0.39 -12.25 28.74
C CYS A 25 -0.72 -10.85 29.28
N VAL A 26 -1.91 -10.30 28.93
CA VAL A 26 -2.35 -8.98 29.39
C VAL A 26 -3.58 -9.17 30.31
N ASP A 27 -4.68 -9.74 29.78
CA ASP A 27 -5.88 -10.06 30.55
C ASP A 27 -5.65 -11.46 31.14
N ALA A 28 -5.05 -11.52 32.36
CA ALA A 28 -4.68 -12.77 33.06
C ALA A 28 -5.80 -13.78 33.24
N SER A 29 -7.05 -13.30 33.44
CA SER A 29 -8.24 -14.12 33.65
C SER A 29 -8.53 -15.12 32.51
N ARG A 30 -8.04 -14.84 31.31
CA ARG A 30 -8.21 -15.66 30.10
C ARG A 30 -6.88 -16.26 29.58
N CYS A 31 -5.78 -16.06 30.32
CA CYS A 31 -4.47 -16.55 29.90
C CYS A 31 -4.32 -18.06 30.04
N MET A 32 -3.41 -18.64 29.22
CA MET A 32 -3.21 -20.09 29.10
C MET A 32 -1.74 -20.51 29.11
N GLY A 33 -1.50 -21.82 29.32
CA GLY A 33 -0.16 -22.39 29.32
C GLY A 33 0.73 -21.94 30.46
N GLY A 34 2.03 -21.88 30.17
CA GLY A 34 3.07 -21.55 31.15
C GLY A 34 3.47 -22.80 31.92
N VAL A 35 4.70 -22.84 32.46
CA VAL A 35 5.22 -24.01 33.19
C VAL A 35 4.51 -24.24 34.56
N ALA A 36 4.01 -23.15 35.21
CA ALA A 36 3.32 -23.24 36.51
C ALA A 36 2.02 -24.03 36.42
N ARG A 37 1.25 -23.82 35.34
CA ARG A 37 -0.04 -24.48 35.11
C ARG A 37 0.23 -25.91 34.64
N LEU A 38 1.27 -26.10 33.77
CA LEU A 38 1.67 -27.43 33.29
C LEU A 38 2.04 -28.33 34.50
N PHE A 39 2.78 -27.79 35.50
CA PHE A 39 3.16 -28.54 36.70
C PHE A 39 1.93 -29.07 37.45
N THR A 40 0.85 -28.23 37.60
CA THR A 40 -0.39 -28.66 38.27
C THR A 40 -1.04 -29.84 37.51
N LYS A 41 -1.15 -29.74 36.16
CA LYS A 41 -1.76 -30.81 35.37
C LYS A 41 -0.98 -32.14 35.45
N VAL A 42 0.37 -32.08 35.25
CA VAL A 42 1.24 -33.26 35.35
C VAL A 42 1.13 -33.92 36.77
N GLN A 43 1.09 -33.09 37.82
CA GLN A 43 0.98 -33.55 39.21
C GLN A 43 -0.33 -34.32 39.43
N GLN A 44 -1.45 -33.82 38.84
CA GLN A 44 -2.78 -34.44 38.93
C GLN A 44 -2.78 -35.84 38.32
N ILE A 45 -2.17 -35.99 37.12
CA ILE A 45 -2.05 -37.26 36.40
C ILE A 45 -1.11 -38.27 37.15
N ARG A 46 0.08 -37.81 37.62
CA ARG A 46 1.03 -38.66 38.36
C ARG A 46 0.45 -39.28 39.64
N ARG A 47 -0.37 -38.53 40.37
CA ARG A 47 -0.94 -39.06 41.58
C ARG A 47 -2.14 -40.03 41.28
N ALA A 48 -2.68 -40.00 40.04
CA ALA A 48 -3.78 -40.88 39.58
C ALA A 48 -3.31 -42.15 38.85
N GLU A 49 -2.19 -42.08 38.11
CA GLU A 49 -1.65 -43.19 37.30
C GLU A 49 -0.26 -43.61 37.78
N PRO A 50 0.00 -44.90 38.10
CA PRO A 50 1.35 -45.27 38.54
C PRO A 50 2.44 -45.26 37.44
N ASN A 51 2.09 -45.57 36.18
CA ASN A 51 3.09 -45.63 35.10
C ASN A 51 2.98 -44.43 34.14
N VAL A 52 3.77 -43.37 34.42
CA VAL A 52 3.76 -42.10 33.71
C VAL A 52 5.15 -41.71 33.19
N LEU A 53 5.20 -41.23 31.94
CA LEU A 53 6.39 -40.68 31.28
C LEU A 53 6.06 -39.26 30.77
N LEU A 54 6.92 -38.27 31.08
CA LEU A 54 6.77 -36.89 30.62
C LEU A 54 7.91 -36.63 29.63
N LEU A 55 7.53 -36.43 28.35
CA LEU A 55 8.46 -36.28 27.22
C LEU A 55 8.31 -34.95 26.48
N ASP A 56 9.42 -34.42 25.93
CA ASP A 56 9.44 -33.22 25.09
C ASP A 56 10.03 -33.57 23.73
N ALA A 57 9.33 -33.18 22.63
CA ALA A 57 9.77 -33.52 21.29
C ALA A 57 10.57 -32.39 20.59
N GLY A 58 11.22 -31.52 21.38
CA GLY A 58 12.11 -30.48 20.91
C GLY A 58 11.52 -29.09 20.72
N ASP A 59 12.43 -28.15 20.42
CA ASP A 59 12.16 -26.72 20.19
C ASP A 59 11.62 -25.98 21.44
N GLN A 60 12.31 -26.19 22.59
CA GLN A 60 12.11 -25.44 23.83
C GLN A 60 12.84 -24.06 23.61
N TYR A 61 14.02 -24.09 22.96
CA TYR A 61 14.86 -22.92 22.65
C TYR A 61 14.15 -22.00 21.68
N GLN A 62 14.34 -20.67 21.90
CA GLN A 62 13.93 -19.53 21.07
C GLN A 62 12.43 -19.18 21.09
N GLY A 63 12.12 -17.91 21.31
CA GLY A 63 10.73 -17.46 21.29
C GLY A 63 10.40 -16.19 22.03
N THR A 64 11.04 -15.94 23.18
CA THR A 64 10.78 -14.75 24.01
C THR A 64 12.08 -14.25 24.64
N ILE A 65 12.03 -13.05 25.28
CA ILE A 65 13.17 -12.44 25.99
C ILE A 65 13.70 -13.36 27.13
N TRP A 66 12.94 -14.42 27.50
CA TRP A 66 13.39 -15.42 28.48
C TRP A 66 14.65 -16.11 27.92
N PHE A 67 14.61 -16.47 26.61
CA PHE A 67 15.72 -17.10 25.90
C PHE A 67 16.82 -16.09 25.49
N THR A 68 16.46 -14.83 25.18
CA THR A 68 17.42 -13.78 24.81
C THR A 68 18.35 -13.54 26.00
N VAL A 69 17.77 -13.40 27.20
CA VAL A 69 18.47 -13.14 28.46
C VAL A 69 19.09 -14.41 29.10
N TYR A 70 18.33 -15.51 29.28
CA TYR A 70 18.86 -16.68 29.99
C TYR A 70 19.55 -17.76 29.10
N LYS A 71 19.37 -17.70 27.76
CA LYS A 71 20.04 -18.54 26.74
C LYS A 71 20.01 -20.08 26.96
N GLY A 72 18.92 -20.60 27.52
CA GLY A 72 18.77 -22.03 27.75
C GLY A 72 18.89 -22.47 29.19
N ALA A 73 19.41 -21.59 30.08
CA ALA A 73 19.53 -21.91 31.52
C ALA A 73 18.14 -21.97 32.16
N GLU A 74 17.16 -21.22 31.62
CA GLU A 74 15.76 -21.22 32.08
C GLU A 74 15.10 -22.55 31.65
N VAL A 75 15.47 -23.08 30.45
CA VAL A 75 14.99 -24.35 29.89
C VAL A 75 15.41 -25.51 30.83
N ALA A 76 16.72 -25.62 31.13
CA ALA A 76 17.24 -26.67 32.02
C ALA A 76 16.61 -26.58 33.42
N HIS A 77 16.56 -25.37 34.00
CA HIS A 77 16.01 -25.15 35.33
C HIS A 77 14.54 -25.56 35.48
N PHE A 78 13.66 -25.07 34.58
CA PHE A 78 12.22 -25.35 34.68
C PHE A 78 11.82 -26.75 34.15
N MET A 79 12.57 -27.34 33.18
CA MET A 79 12.30 -28.72 32.73
C MET A 79 12.70 -29.70 33.84
N ASN A 80 13.74 -29.35 34.64
CA ASN A 80 14.19 -30.14 35.78
C ASN A 80 13.16 -30.12 36.93
N ALA A 81 12.58 -28.92 37.20
CA ALA A 81 11.58 -28.71 38.25
C ALA A 81 10.27 -29.48 37.94
N LEU A 82 9.99 -29.68 36.63
CA LEU A 82 8.81 -30.41 36.17
CA LEU A 82 8.82 -30.40 36.10
C LEU A 82 9.08 -31.91 36.04
N ARG A 83 10.35 -32.32 36.23
CA ARG A 83 10.85 -33.70 36.20
C ARG A 83 10.54 -34.44 34.88
N TYR A 84 10.95 -33.82 33.74
CA TYR A 84 10.84 -34.47 32.42
C TYR A 84 11.69 -35.74 32.43
N ASP A 85 11.21 -36.80 31.76
CA ASP A 85 11.88 -38.09 31.69
C ASP A 85 12.89 -38.18 30.54
N ALA A 86 12.64 -37.46 29.40
CA ALA A 86 13.52 -37.43 28.23
C ALA A 86 13.09 -36.31 27.29
N MET A 87 14.03 -35.81 26.50
CA MET A 87 13.80 -34.77 25.48
C MET A 87 14.56 -35.12 24.19
N ALA A 88 13.93 -34.90 23.02
CA ALA A 88 14.60 -35.07 21.71
C ALA A 88 15.08 -33.70 21.23
N LEU A 89 16.21 -33.65 20.53
CA LEU A 89 16.75 -32.39 20.03
C LEU A 89 15.95 -31.87 18.83
N GLY A 90 15.59 -30.60 18.87
CA GLY A 90 14.91 -29.91 17.79
C GLY A 90 15.91 -29.04 17.05
N ASN A 91 15.51 -28.44 15.90
CA ASN A 91 16.37 -27.54 15.13
C ASN A 91 16.77 -26.29 15.92
N HIS A 92 15.82 -25.69 16.70
CA HIS A 92 16.08 -24.46 17.48
C HIS A 92 17.10 -24.66 18.63
N GLU A 93 17.33 -25.92 19.10
CA GLU A 93 18.35 -26.20 20.13
C GLU A 93 19.79 -25.88 19.63
N PHE A 94 19.97 -25.64 18.30
CA PHE A 94 21.24 -25.30 17.65
C PHE A 94 21.37 -23.80 17.29
N ASP A 95 20.35 -22.97 17.64
CA ASP A 95 20.33 -21.53 17.30
C ASP A 95 21.54 -20.72 17.78
N ASN A 96 22.11 -21.08 18.95
CA ASN A 96 23.27 -20.43 19.55
C ASN A 96 24.55 -21.25 19.31
N GLY A 97 24.52 -22.08 18.27
CA GLY A 97 25.64 -22.94 17.89
C GLY A 97 25.72 -24.16 18.79
N VAL A 98 26.74 -25.02 18.58
CA VAL A 98 26.94 -26.21 19.41
C VAL A 98 27.33 -25.85 20.84
N GLU A 99 28.15 -24.78 21.03
CA GLU A 99 28.57 -24.31 22.35
C GLU A 99 27.38 -23.82 23.21
N GLY A 100 26.36 -23.29 22.54
CA GLY A 100 25.13 -22.79 23.16
C GLY A 100 24.14 -23.87 23.52
N LEU A 101 24.37 -25.11 23.05
CA LEU A 101 23.58 -26.31 23.37
C LEU A 101 24.26 -27.09 24.50
N ILE A 102 25.61 -27.24 24.39
CA ILE A 102 26.44 -27.97 25.34
C ILE A 102 26.45 -27.33 26.73
N GLU A 103 26.82 -26.04 26.84
CA GLU A 103 27.02 -25.40 28.15
C GLU A 103 25.72 -25.19 28.97
N PRO A 104 24.65 -24.51 28.50
CA PRO A 104 23.48 -24.34 29.37
C PRO A 104 22.50 -25.50 29.42
N LEU A 105 22.40 -26.35 28.36
CA LEU A 105 21.37 -27.41 28.39
C LEU A 105 21.92 -28.82 28.59
N LEU A 106 22.81 -29.30 27.69
CA LEU A 106 23.34 -30.67 27.81
C LEU A 106 24.02 -30.91 29.15
N LYS A 107 24.77 -29.90 29.66
CA LYS A 107 25.48 -30.02 30.94
C LYS A 107 24.59 -29.82 32.20
N GLU A 108 23.42 -29.17 32.07
CA GLU A 108 22.56 -28.87 33.23
C GLU A 108 21.27 -29.70 33.36
N ALA A 109 20.82 -30.35 32.26
CA ALA A 109 19.59 -31.17 32.31
C ALA A 109 19.76 -32.43 33.19
N LYS A 110 18.73 -32.74 34.01
CA LYS A 110 18.76 -33.92 34.91
C LYS A 110 18.07 -35.13 34.24
N PHE A 111 17.88 -35.06 32.92
CA PHE A 111 17.21 -36.07 32.08
C PHE A 111 18.00 -36.31 30.78
N PRO A 112 17.86 -37.49 30.13
CA PRO A 112 18.60 -37.72 28.87
C PRO A 112 18.11 -36.89 27.69
N ILE A 113 19.07 -36.46 26.84
CA ILE A 113 18.76 -35.67 25.64
C ILE A 113 19.11 -36.52 24.43
N LEU A 114 18.14 -36.78 23.54
CA LEU A 114 18.26 -37.77 22.47
C LEU A 114 18.22 -37.30 21.02
N SER A 115 18.94 -38.06 20.15
CA SER A 115 19.00 -37.97 18.68
C SER A 115 19.89 -39.07 18.10
N ALA A 116 19.25 -40.04 17.43
CA ALA A 116 19.90 -41.19 16.81
C ALA A 116 20.46 -40.91 15.40
N ASN A 117 20.05 -39.79 14.75
CA ASN A 117 20.50 -39.46 13.40
C ASN A 117 21.50 -38.28 13.31
N ILE A 118 22.02 -37.80 14.46
CA ILE A 118 23.04 -36.73 14.47
C ILE A 118 24.37 -37.40 14.82
N LYS A 119 25.40 -37.23 13.95
CA LYS A 119 26.74 -37.80 14.15
C LYS A 119 27.81 -36.72 14.16
N ALA A 120 28.70 -36.79 15.16
CA ALA A 120 29.79 -35.83 15.34
C ALA A 120 31.12 -36.31 14.71
N LYS A 121 31.80 -35.38 14.00
CA LYS A 121 33.11 -35.57 13.36
C LYS A 121 34.08 -34.46 13.80
N GLY A 122 35.29 -34.43 13.22
CA GLY A 122 36.33 -33.44 13.55
C GLY A 122 36.70 -33.43 15.03
N PRO A 123 37.13 -32.28 15.60
CA PRO A 123 37.47 -32.24 17.04
C PRO A 123 36.28 -32.21 18.01
N LEU A 124 35.05 -31.95 17.50
CA LEU A 124 33.82 -31.90 18.30
C LEU A 124 33.43 -33.29 18.80
N ALA A 125 33.74 -34.36 18.02
CA ALA A 125 33.42 -35.76 18.34
C ALA A 125 33.77 -36.13 19.79
N SER A 126 34.96 -35.71 20.25
CA SER A 126 35.48 -35.94 21.60
C SER A 126 34.83 -35.03 22.65
N GLN A 127 34.54 -33.76 22.28
CA GLN A 127 33.92 -32.76 23.16
C GLN A 127 32.47 -33.08 23.53
N ILE A 128 31.65 -33.43 22.52
CA ILE A 128 30.21 -33.72 22.68
C ILE A 128 29.93 -35.20 23.06
N SER A 129 30.93 -36.08 22.98
CA SER A 129 30.84 -37.51 23.31
C SER A 129 30.02 -37.79 24.58
N GLY A 130 28.92 -38.52 24.43
CA GLY A 130 28.03 -38.91 25.52
C GLY A 130 27.13 -37.83 26.11
N LEU A 131 27.20 -36.58 25.61
CA LEU A 131 26.38 -35.46 26.09
C LEU A 131 24.91 -35.55 25.65
N TYR A 132 24.68 -36.17 24.48
CA TYR A 132 23.38 -36.52 23.93
C TYR A 132 23.50 -38.00 23.52
N LEU A 133 22.39 -38.73 23.45
CA LEU A 133 22.43 -40.17 23.18
C LEU A 133 21.51 -40.61 22.03
N PRO A 134 21.74 -41.77 21.37
CA PRO A 134 20.78 -42.21 20.33
C PRO A 134 19.45 -42.69 20.93
N TYR A 135 19.51 -43.31 22.13
CA TYR A 135 18.39 -43.85 22.89
C TYR A 135 18.66 -43.86 24.40
N LYS A 136 17.59 -44.10 25.18
CA LYS A 136 17.64 -44.30 26.64
C LYS A 136 16.57 -45.31 27.08
N VAL A 137 17.00 -46.28 27.88
CA VAL A 137 16.15 -47.32 28.43
C VAL A 137 15.73 -46.83 29.80
N LEU A 138 14.44 -46.53 29.95
CA LEU A 138 13.90 -46.02 31.21
C LEU A 138 13.10 -47.05 32.04
N PRO A 139 13.41 -47.21 33.34
CA PRO A 139 12.56 -48.06 34.18
C PRO A 139 11.27 -47.33 34.52
N VAL A 140 10.13 -48.01 34.37
CA VAL A 140 8.79 -47.48 34.65
C VAL A 140 8.12 -48.60 35.46
N GLY A 141 8.10 -48.42 36.78
CA GLY A 141 7.60 -49.42 37.71
C GLY A 141 8.42 -50.69 37.64
N ASP A 142 7.74 -51.82 37.38
CA ASP A 142 8.35 -53.15 37.23
C ASP A 142 8.80 -53.45 35.80
N GLU A 143 8.63 -52.47 34.89
CA GLU A 143 8.97 -52.62 33.48
C GLU A 143 10.07 -51.66 33.03
N VAL A 144 10.43 -51.76 31.75
CA VAL A 144 11.44 -50.95 31.10
C VAL A 144 10.87 -50.43 29.76
N VAL A 145 11.14 -49.16 29.41
CA VAL A 145 10.66 -48.54 28.16
C VAL A 145 11.82 -47.86 27.41
N GLY A 146 12.01 -48.28 26.16
CA GLY A 146 13.05 -47.72 25.29
C GLY A 146 12.56 -46.49 24.54
N ILE A 147 13.36 -45.41 24.56
CA ILE A 147 13.03 -44.15 23.87
C ILE A 147 14.19 -43.80 22.91
N VAL A 148 13.87 -43.75 21.58
CA VAL A 148 14.82 -43.42 20.50
CA VAL A 148 14.84 -43.42 20.52
C VAL A 148 14.52 -42.03 19.96
N GLY A 149 15.54 -41.17 19.88
CA GLY A 149 15.40 -39.80 19.38
C GLY A 149 15.72 -39.58 17.91
N TYR A 150 15.21 -38.46 17.35
CA TYR A 150 15.50 -38.07 15.96
C TYR A 150 15.28 -36.56 15.76
N THR A 151 16.05 -35.94 14.82
CA THR A 151 16.03 -34.50 14.52
C THR A 151 15.99 -34.26 13.00
N SER A 152 15.18 -33.28 12.56
CA SER A 152 15.02 -32.88 11.15
C SER A 152 16.34 -32.88 10.38
N LYS A 153 16.37 -33.55 9.22
CA LYS A 153 17.55 -33.60 8.35
C LYS A 153 17.83 -32.18 7.79
N GLU A 154 16.80 -31.30 7.81
CA GLU A 154 16.79 -29.92 7.33
C GLU A 154 17.46 -28.91 8.25
N THR A 155 17.80 -29.30 9.49
CA THR A 155 18.41 -28.45 10.55
C THR A 155 19.58 -27.57 10.02
N PRO A 156 20.59 -28.03 9.22
CA PRO A 156 21.61 -27.07 8.69
C PRO A 156 21.06 -25.86 7.91
N PHE A 157 19.85 -25.98 7.30
CA PHE A 157 19.22 -24.92 6.51
CA PHE A 157 19.27 -24.88 6.52
C PHE A 157 18.37 -24.00 7.40
N LEU A 158 18.16 -24.41 8.67
CA LEU A 158 17.29 -23.70 9.63
C LEU A 158 17.99 -23.14 10.86
N SER A 159 19.19 -23.63 11.19
CA SER A 159 19.84 -23.24 12.43
C SER A 159 21.39 -23.22 12.30
N ASN A 160 22.14 -23.30 13.44
CA ASN A 160 23.59 -23.26 13.37
C ASN A 160 24.27 -24.51 14.00
N PRO A 161 24.03 -25.76 13.49
CA PRO A 161 24.71 -26.94 14.08
C PRO A 161 26.22 -27.00 13.76
N GLY A 162 26.68 -26.26 12.75
CA GLY A 162 28.08 -26.21 12.33
C GLY A 162 28.50 -27.32 11.38
N THR A 163 29.76 -27.26 10.91
CA THR A 163 30.31 -28.22 9.96
C THR A 163 30.63 -29.61 10.55
N ASN A 164 30.89 -29.69 11.87
CA ASN A 164 31.29 -30.93 12.55
C ASN A 164 30.13 -31.84 12.97
N LEU A 165 28.88 -31.49 12.61
CA LEU A 165 27.72 -32.34 12.85
C LEU A 165 27.11 -32.78 11.53
N VAL A 166 26.83 -34.08 11.38
CA VAL A 166 26.23 -34.68 10.19
C VAL A 166 24.80 -35.20 10.52
N PHE A 167 23.82 -34.81 9.69
CA PHE A 167 22.41 -35.21 9.83
C PHE A 167 22.07 -36.31 8.83
N GLU A 168 21.84 -37.53 9.32
CA GLU A 168 21.50 -38.69 8.49
C GLU A 168 19.98 -38.78 8.30
N ASP A 169 19.54 -39.65 7.36
CA ASP A 169 18.12 -39.93 7.11
C ASP A 169 17.60 -40.60 8.39
N GLU A 170 16.43 -40.15 8.87
CA GLU A 170 15.81 -40.65 10.11
C GLU A 170 15.58 -42.15 10.11
N ILE A 171 14.93 -42.69 9.06
CA ILE A 171 14.55 -44.10 8.97
C ILE A 171 15.79 -45.02 8.93
N THR A 172 16.86 -44.60 8.20
CA THR A 172 18.13 -45.32 8.07
C THR A 172 18.85 -45.43 9.42
N ALA A 173 18.89 -44.34 10.20
CA ALA A 173 19.55 -44.26 11.50
C ALA A 173 18.76 -44.92 12.62
N LEU A 174 17.41 -44.85 12.57
CA LEU A 174 16.55 -45.39 13.61
C LEU A 174 16.49 -46.91 13.63
N GLN A 175 16.35 -47.58 12.47
CA GLN A 175 16.27 -49.05 12.41
C GLN A 175 17.42 -49.80 13.17
N PRO A 176 18.74 -49.50 12.96
CA PRO A 176 19.78 -50.23 13.72
C PRO A 176 19.62 -50.10 15.24
N GLU A 177 19.16 -48.91 15.72
CA GLU A 177 18.93 -48.62 17.16
C GLU A 177 17.76 -49.42 17.74
N VAL A 178 16.63 -49.48 17.00
CA VAL A 178 15.43 -50.23 17.40
C VAL A 178 15.74 -51.75 17.45
N ASP A 179 16.50 -52.26 16.46
CA ASP A 179 16.95 -53.66 16.38
C ASP A 179 17.85 -54.02 17.58
N LYS A 180 18.75 -53.08 17.97
CA LYS A 180 19.67 -53.23 19.11
C LYS A 180 18.87 -53.31 20.43
N LEU A 181 17.82 -52.49 20.55
CA LEU A 181 16.94 -52.49 21.73
C LEU A 181 16.24 -53.84 21.91
N LYS A 182 15.75 -54.45 20.81
CA LYS A 182 15.13 -55.80 20.81
C LYS A 182 16.10 -56.88 21.36
N THR A 183 17.39 -56.83 20.93
CA THR A 183 18.43 -57.76 21.39
C THR A 183 18.71 -57.56 22.88
N LEU A 184 18.50 -56.32 23.39
CA LEU A 184 18.64 -55.97 24.81
C LEU A 184 17.35 -56.24 25.61
N ASN A 185 16.43 -57.04 25.03
CA ASN A 185 15.15 -57.45 25.62
C ASN A 185 14.23 -56.28 25.99
N VAL A 186 14.25 -55.21 25.18
CA VAL A 186 13.39 -54.04 25.35
C VAL A 186 12.27 -54.21 24.32
N ASN A 187 11.07 -54.62 24.81
CA ASN A 187 9.89 -54.94 23.99
C ASN A 187 8.91 -53.77 23.79
N LYS A 188 9.09 -52.65 24.52
CA LYS A 188 8.26 -51.44 24.42
C LYS A 188 9.16 -50.28 23.95
N ILE A 189 8.87 -49.74 22.73
CA ILE A 189 9.70 -48.71 22.10
C ILE A 189 8.90 -47.46 21.64
N ILE A 190 9.33 -46.28 22.14
CA ILE A 190 8.77 -44.98 21.76
C ILE A 190 9.79 -44.24 20.89
N ALA A 191 9.36 -43.76 19.73
CA ALA A 191 10.19 -42.92 18.86
C ALA A 191 9.78 -41.47 19.18
N LEU A 192 10.72 -40.70 19.75
CA LEU A 192 10.49 -39.29 20.16
C LEU A 192 11.37 -38.39 19.32
N GLY A 193 10.77 -37.48 18.54
CA GLY A 193 11.60 -36.66 17.65
C GLY A 193 11.02 -35.40 17.03
N HIS A 194 11.90 -34.68 16.31
CA HIS A 194 11.57 -33.37 15.75
C HIS A 194 11.77 -33.25 14.24
N SER A 195 10.89 -33.86 13.42
CA SER A 195 10.99 -33.78 11.95
C SER A 195 9.67 -33.39 11.24
N GLY A 196 8.56 -33.34 11.96
CA GLY A 196 7.27 -32.98 11.37
C GLY A 196 6.38 -34.20 11.21
N PHE A 197 5.06 -33.95 11.10
CA PHE A 197 3.99 -34.95 11.00
C PHE A 197 4.17 -35.96 9.86
N GLU A 198 4.52 -35.49 8.64
CA GLU A 198 4.74 -36.34 7.46
C GLU A 198 5.86 -37.38 7.68
N MET A 199 6.99 -36.96 8.27
CA MET A 199 8.08 -37.87 8.62
C MET A 199 7.68 -38.81 9.78
N ASP A 200 6.93 -38.31 10.79
CA ASP A 200 6.45 -39.10 11.93
C ASP A 200 5.65 -40.33 11.45
N LYS A 201 4.75 -40.11 10.48
CA LYS A 201 3.91 -41.13 9.83
C LYS A 201 4.75 -42.14 9.05
N LEU A 202 5.82 -41.66 8.40
CA LEU A 202 6.73 -42.53 7.65
C LEU A 202 7.54 -43.40 8.59
N ILE A 203 7.97 -42.81 9.74
CA ILE A 203 8.72 -43.51 10.81
C ILE A 203 7.86 -44.63 11.37
N ALA A 204 6.57 -44.34 11.67
CA ALA A 204 5.60 -45.31 12.19
C ALA A 204 5.37 -46.49 11.23
N GLN A 205 5.29 -46.19 9.92
CA GLN A 205 5.05 -47.18 8.87
C GLN A 205 6.26 -48.06 8.51
N LYS A 206 7.48 -47.49 8.50
CA LYS A 206 8.68 -48.18 7.99
C LYS A 206 9.73 -48.63 9.02
N VAL A 207 9.75 -48.08 10.24
CA VAL A 207 10.74 -48.49 11.25
C VAL A 207 10.16 -49.67 12.10
N ARG A 208 10.49 -50.91 11.69
CA ARG A 208 10.04 -52.16 12.35
C ARG A 208 10.33 -52.16 13.86
N GLY A 209 9.30 -52.43 14.67
CA GLY A 209 9.43 -52.50 16.13
C GLY A 209 8.96 -51.29 16.93
N VAL A 210 8.84 -50.10 16.28
CA VAL A 210 8.35 -48.87 16.96
C VAL A 210 6.88 -49.07 17.39
N ASP A 211 6.55 -48.82 18.67
CA ASP A 211 5.18 -48.99 19.16
C ASP A 211 4.34 -47.71 19.12
N VAL A 212 4.97 -46.54 19.36
CA VAL A 212 4.34 -45.20 19.42
C VAL A 212 5.34 -44.16 18.85
N VAL A 213 4.81 -43.15 18.11
CA VAL A 213 5.58 -42.01 17.61
C VAL A 213 5.07 -40.70 18.28
N VAL A 214 5.98 -39.98 18.97
CA VAL A 214 5.71 -38.69 19.64
C VAL A 214 6.55 -37.61 18.89
N GLY A 215 5.88 -36.77 18.11
CA GLY A 215 6.56 -35.76 17.29
C GLY A 215 6.33 -34.28 17.56
N GLY A 216 6.86 -33.43 16.67
CA GLY A 216 6.78 -31.98 16.74
C GLY A 216 7.15 -31.32 15.41
N HIS A 217 7.62 -30.04 15.46
CA HIS A 217 8.15 -29.24 14.32
C HIS A 217 7.10 -28.62 13.41
N SER A 218 6.04 -29.38 13.08
CA SER A 218 4.95 -28.96 12.18
C SER A 218 3.79 -28.28 12.95
N ASN A 219 3.90 -28.19 14.31
CA ASN A 219 2.89 -27.64 15.23
C ASN A 219 1.52 -28.28 14.97
N THR A 220 1.50 -29.61 14.69
CA THR A 220 0.28 -30.36 14.36
C THR A 220 -0.68 -30.47 15.54
N PHE A 221 -1.96 -30.15 15.28
CA PHE A 221 -3.03 -30.29 16.27
C PHE A 221 -3.89 -31.48 15.86
N LEU A 222 -3.95 -32.48 16.74
CA LEU A 222 -4.76 -33.69 16.57
C LEU A 222 -5.82 -33.73 17.68
N TYR A 223 -7.03 -34.18 17.37
CA TYR A 223 -8.13 -34.22 18.34
C TYR A 223 -9.22 -35.23 17.99
N THR A 224 -9.78 -35.85 19.02
CA THR A 224 -10.93 -36.76 18.89
C THR A 224 -12.14 -36.11 19.58
N GLY A 225 -13.14 -35.71 18.78
CA GLY A 225 -14.37 -35.07 19.24
C GLY A 225 -14.40 -33.60 18.88
N ASN A 226 -15.10 -32.79 19.67
CA ASN A 226 -15.18 -31.35 19.42
C ASN A 226 -14.01 -30.63 20.07
N PRO A 227 -13.22 -29.86 19.28
CA PRO A 227 -12.04 -29.17 19.85
C PRO A 227 -12.36 -28.11 20.90
N PRO A 228 -11.50 -27.91 21.93
CA PRO A 228 -11.85 -26.95 23.00
C PRO A 228 -11.52 -25.48 22.72
N SER A 229 -10.69 -25.19 21.70
CA SER A 229 -10.26 -23.82 21.40
C SER A 229 -10.33 -23.48 19.88
N LYS A 230 -9.46 -22.58 19.39
CA LYS A 230 -9.43 -22.13 17.98
C LYS A 230 -8.64 -23.04 17.01
N GLU A 231 -7.84 -23.99 17.54
CA GLU A 231 -7.06 -24.88 16.67
C GLU A 231 -7.95 -25.91 15.98
N VAL A 232 -7.77 -26.08 14.67
CA VAL A 232 -8.55 -26.98 13.82
C VAL A 232 -7.73 -28.27 13.69
N PRO A 233 -8.33 -29.45 13.99
CA PRO A 233 -7.56 -30.69 13.92
C PRO A 233 -7.23 -31.15 12.50
N ALA A 234 -6.03 -31.70 12.31
CA ALA A 234 -5.55 -32.24 11.04
C ALA A 234 -5.90 -33.74 10.93
N GLY A 235 -6.37 -34.30 12.03
CA GLY A 235 -6.75 -35.71 12.16
C GLY A 235 -7.14 -36.05 13.58
N LYS A 236 -7.50 -37.31 13.80
CA LYS A 236 -7.90 -37.81 15.13
C LYS A 236 -6.69 -37.95 16.06
N TYR A 237 -6.94 -37.94 17.39
CA TYR A 237 -5.91 -38.17 18.40
C TYR A 237 -6.20 -39.53 19.09
N PRO A 238 -5.31 -40.54 18.95
CA PRO A 238 -4.06 -40.53 18.15
C PRO A 238 -4.33 -40.76 16.67
N PHE A 239 -3.36 -40.43 15.79
CA PHE A 239 -3.51 -40.73 14.37
C PHE A 239 -2.97 -42.17 14.20
N ILE A 240 -3.76 -43.07 13.59
CA ILE A 240 -3.34 -44.46 13.44
C ILE A 240 -2.73 -44.73 12.07
N VAL A 241 -1.48 -45.25 12.07
CA VAL A 241 -0.73 -45.66 10.89
C VAL A 241 -0.71 -47.20 10.90
N THR A 242 -0.96 -47.85 9.74
CA THR A 242 -0.87 -49.30 9.57
C THR A 242 0.56 -49.57 9.07
N SER A 243 1.42 -50.15 9.93
CA SER A 243 2.82 -50.40 9.58
C SER A 243 3.01 -51.50 8.53
N ASP A 244 4.18 -51.49 7.85
CA ASP A 244 4.58 -52.52 6.88
C ASP A 244 4.74 -53.91 7.54
N ASP A 245 5.11 -53.97 8.87
CA ASP A 245 5.20 -55.24 9.59
C ASP A 245 3.82 -55.70 10.20
N GLY A 246 2.74 -55.08 9.72
CA GLY A 246 1.35 -55.38 10.05
C GLY A 246 0.78 -55.00 11.40
N ARG A 247 1.22 -53.88 11.97
CA ARG A 247 0.72 -53.43 13.29
C ARG A 247 0.04 -52.05 13.20
N LYS A 248 -0.72 -51.68 14.26
CA LYS A 248 -1.36 -50.36 14.34
C LYS A 248 -0.51 -49.51 15.28
N VAL A 249 0.10 -48.47 14.73
CA VAL A 249 1.04 -47.57 15.41
C VAL A 249 0.43 -46.16 15.64
N PRO A 250 0.13 -45.79 16.90
CA PRO A 250 -0.39 -44.43 17.15
C PRO A 250 0.70 -43.36 16.99
N VAL A 251 0.32 -42.24 16.37
CA VAL A 251 1.19 -41.07 16.10
C VAL A 251 0.53 -39.86 16.78
N VAL A 252 1.29 -39.17 17.65
CA VAL A 252 0.78 -38.03 18.42
C VAL A 252 1.67 -36.78 18.31
N GLN A 253 1.03 -35.61 18.46
CA GLN A 253 1.65 -34.28 18.47
C GLN A 253 0.71 -33.41 19.31
N ALA A 254 1.23 -32.34 19.93
CA ALA A 254 0.42 -31.49 20.82
C ALA A 254 0.56 -29.98 20.54
N TYR A 255 0.35 -29.59 19.25
CA TYR A 255 0.36 -28.18 18.76
C TYR A 255 1.70 -27.48 19.10
N ALA A 256 1.73 -26.38 19.90
CA ALA A 256 2.94 -25.60 20.23
C ALA A 256 2.64 -24.63 21.38
N PHE A 257 3.70 -23.93 21.85
CA PHE A 257 3.72 -22.85 22.84
C PHE A 257 3.18 -23.20 24.24
N GLY A 258 3.15 -24.49 24.59
CA GLY A 258 2.67 -24.98 25.88
C GLY A 258 1.19 -24.78 26.18
N LYS A 259 0.37 -24.44 25.13
CA LYS A 259 -1.09 -24.22 25.25
C LYS A 259 -1.82 -25.51 25.68
N TYR A 260 -1.32 -26.68 25.20
CA TYR A 260 -1.89 -28.01 25.48
C TYR A 260 -0.86 -28.97 26.08
N LEU A 261 -1.35 -29.97 26.82
CA LEU A 261 -0.52 -31.07 27.34
C LEU A 261 -1.05 -32.34 26.65
N GLY A 262 -0.23 -32.93 25.79
CA GLY A 262 -0.56 -34.19 25.13
C GLY A 262 -0.76 -35.30 26.15
N TYR A 263 -1.82 -36.11 26.00
CA TYR A 263 -2.15 -37.18 26.95
C TYR A 263 -2.57 -38.43 26.20
N LEU A 264 -1.77 -39.50 26.33
CA LEU A 264 -2.06 -40.79 25.69
C LEU A 264 -1.92 -41.96 26.66
N LYS A 265 -3.03 -42.68 26.87
CA LYS A 265 -3.11 -43.86 27.75
C LYS A 265 -3.03 -45.12 26.88
N ILE A 266 -1.96 -45.95 27.07
CA ILE A 266 -1.72 -47.16 26.27
C ILE A 266 -1.82 -48.45 27.10
N GLU A 267 -2.50 -49.46 26.52
CA GLU A 267 -2.65 -50.80 27.08
C GLU A 267 -1.67 -51.72 26.29
N PHE A 268 -0.68 -52.27 26.97
CA PHE A 268 0.29 -53.18 26.36
C PHE A 268 0.00 -54.61 26.83
N ASP A 269 0.35 -55.62 26.00
CA ASP A 269 0.27 -57.01 26.43
C ASP A 269 1.65 -57.35 27.07
N GLU A 270 1.82 -58.59 27.53
CA GLU A 270 3.03 -59.08 28.19
C GLU A 270 4.28 -59.07 27.30
N ARG A 271 4.10 -59.07 25.97
CA ARG A 271 5.19 -59.07 24.99
C ARG A 271 5.50 -57.68 24.43
N GLY A 272 4.85 -56.66 24.99
CA GLY A 272 5.06 -55.26 24.58
C GLY A 272 4.31 -54.80 23.35
N ASN A 273 3.25 -55.53 22.94
CA ASN A 273 2.41 -55.14 21.79
C ASN A 273 1.26 -54.27 22.25
N VAL A 274 0.96 -53.17 21.50
CA VAL A 274 -0.15 -52.27 21.81
C VAL A 274 -1.49 -52.97 21.56
N ILE A 275 -2.30 -53.09 22.62
CA ILE A 275 -3.64 -53.67 22.56
C ILE A 275 -4.57 -52.55 22.12
N SER A 276 -4.51 -51.41 22.83
CA SER A 276 -5.30 -50.21 22.55
C SER A 276 -4.60 -48.95 23.07
N SER A 277 -5.11 -47.77 22.64
CA SER A 277 -4.65 -46.44 23.04
C SER A 277 -5.79 -45.43 22.87
N HIS A 278 -5.85 -44.44 23.78
CA HIS A 278 -6.82 -43.34 23.76
C HIS A 278 -6.28 -42.16 24.55
N GLY A 279 -6.76 -40.98 24.20
CA GLY A 279 -6.43 -39.75 24.88
C GLY A 279 -6.85 -38.55 24.08
N ASN A 280 -6.22 -37.40 24.37
CA ASN A 280 -6.42 -36.11 23.71
C ASN A 280 -5.47 -35.09 24.32
N PRO A 281 -5.09 -34.00 23.59
CA PRO A 281 -4.33 -32.92 24.25
C PRO A 281 -5.27 -32.20 25.25
N ILE A 282 -4.74 -31.84 26.42
CA ILE A 282 -5.51 -31.17 27.48
C ILE A 282 -5.24 -29.66 27.35
N LEU A 283 -6.30 -28.85 27.13
CA LEU A 283 -6.18 -27.40 27.03
C LEU A 283 -5.83 -26.84 28.43
N LEU A 284 -4.68 -26.18 28.53
CA LEU A 284 -4.19 -25.61 29.78
C LEU A 284 -4.73 -24.17 29.96
N ASP A 285 -6.02 -24.07 30.31
CA ASP A 285 -6.72 -22.80 30.53
C ASP A 285 -6.91 -22.50 32.03
N SER A 286 -7.58 -21.37 32.35
CA SER A 286 -7.88 -20.82 33.70
C SER A 286 -8.51 -21.79 34.69
N SER A 287 -9.12 -22.90 34.21
CA SER A 287 -9.74 -23.92 35.07
CA SER A 287 -9.73 -23.89 35.11
C SER A 287 -8.67 -24.68 35.89
N ILE A 288 -7.43 -24.70 35.40
CA ILE A 288 -6.31 -25.37 36.07
C ILE A 288 -5.50 -24.28 36.79
N PRO A 289 -5.34 -24.33 38.12
CA PRO A 289 -4.57 -23.26 38.79
C PRO A 289 -3.06 -23.41 38.57
N GLU A 290 -2.34 -22.29 38.57
CA GLU A 290 -0.87 -22.28 38.46
C GLU A 290 -0.29 -22.76 39.81
N ASP A 291 0.73 -23.66 39.79
CA ASP A 291 1.35 -24.14 41.02
C ASP A 291 2.04 -22.95 41.74
N PRO A 292 1.71 -22.68 43.03
CA PRO A 292 2.31 -21.50 43.71
C PRO A 292 3.84 -21.48 43.81
N SER A 293 4.48 -22.65 44.03
CA SER A 293 5.93 -22.77 44.13
C SER A 293 6.63 -22.43 42.82
N ILE A 294 6.20 -23.06 41.70
CA ILE A 294 6.72 -22.80 40.34
C ILE A 294 6.49 -21.35 39.95
N LYS A 295 5.28 -20.79 40.26
CA LYS A 295 4.89 -19.41 39.96
C LYS A 295 5.81 -18.39 40.66
N ALA A 296 6.12 -18.64 41.96
CA ALA A 296 7.01 -17.78 42.76
C ALA A 296 8.42 -17.78 42.15
N ASP A 297 8.91 -18.97 41.75
CA ASP A 297 10.20 -19.17 41.09
C ASP A 297 10.22 -18.44 39.73
N ILE A 298 9.11 -18.53 38.96
CA ILE A 298 8.97 -17.82 37.68
C ILE A 298 9.05 -16.30 37.89
N ASN A 299 8.37 -15.78 38.96
CA ASN A 299 8.37 -14.37 39.32
C ASN A 299 9.77 -13.86 39.70
N LYS A 300 10.56 -14.70 40.39
CA LYS A 300 11.94 -14.41 40.79
C LYS A 300 12.84 -14.20 39.55
N TRP A 301 12.73 -15.10 38.55
CA TRP A 301 13.50 -15.05 37.30
C TRP A 301 13.04 -13.90 36.38
N ARG A 302 11.75 -13.49 36.47
CA ARG A 302 11.20 -12.41 35.63
C ARG A 302 11.81 -11.02 36.01
N ILE A 303 12.31 -10.84 37.26
CA ILE A 303 12.94 -9.60 37.76
C ILE A 303 13.96 -9.01 36.75
N LYS A 304 14.88 -9.84 36.24
CA LYS A 304 15.92 -9.46 35.28
C LYS A 304 15.38 -9.09 33.90
N LEU A 305 14.17 -9.58 33.54
CA LEU A 305 13.53 -9.34 32.25
C LEU A 305 12.82 -7.99 32.18
N ASP A 306 12.39 -7.45 33.34
CA ASP A 306 11.71 -6.16 33.44
C ASP A 306 12.68 -5.00 33.16
N ASP A 307 14.00 -5.23 33.39
CA ASP A 307 15.10 -4.29 33.13
C ASP A 307 15.08 -3.80 31.68
N TYR A 308 14.41 -4.57 30.78
CA TYR A 308 14.20 -4.24 29.37
C TYR A 308 13.22 -3.10 29.34
N SER A 309 13.69 -1.91 28.87
CA SER A 309 12.91 -0.67 28.78
C SER A 309 11.47 -0.92 28.35
N THR A 310 10.52 -0.72 29.30
CA THR A 310 9.09 -0.89 29.10
C THR A 310 8.47 0.32 28.36
N GLN A 311 9.33 1.24 27.86
CA GLN A 311 8.96 2.43 27.10
C GLN A 311 8.19 2.05 25.85
N GLU A 312 7.06 2.74 25.60
CA GLU A 312 6.19 2.53 24.45
C GLU A 312 6.94 2.97 23.20
N LEU A 313 7.26 2.02 22.30
CA LEU A 313 7.94 2.30 21.03
C LEU A 313 6.97 3.03 20.09
N GLY A 314 5.72 2.60 20.10
CA GLY A 314 4.64 3.16 19.30
C GLY A 314 3.32 2.46 19.56
N LYS A 315 2.33 2.71 18.69
CA LYS A 315 1.01 2.13 18.83
C LYS A 315 0.48 1.47 17.56
N THR A 316 -0.29 0.39 17.74
CA THR A 316 -1.02 -0.32 16.70
C THR A 316 -2.53 -0.21 16.94
N ILE A 317 -3.31 0.06 15.88
CA ILE A 317 -4.76 0.15 16.00
C ILE A 317 -5.44 -1.09 15.36
N VAL A 318 -4.61 -2.04 14.90
CA VAL A 318 -5.06 -3.28 14.26
C VAL A 318 -4.32 -4.46 14.91
N TYR A 319 -4.91 -5.67 14.83
CA TYR A 319 -4.27 -6.89 15.30
C TYR A 319 -3.09 -7.14 14.34
N LEU A 320 -1.91 -7.42 14.89
CA LEU A 320 -0.74 -7.67 14.08
C LEU A 320 -0.59 -9.17 13.97
N ASP A 321 -1.15 -9.74 12.90
CA ASP A 321 -1.16 -11.18 12.68
C ASP A 321 0.18 -11.74 12.21
N GLY A 322 0.99 -12.18 13.16
CA GLY A 322 2.27 -12.84 12.94
C GLY A 322 2.22 -14.31 13.34
N SER A 323 1.00 -14.90 13.37
CA SER A 323 0.80 -16.32 13.70
C SER A 323 1.27 -17.14 12.50
N SER A 324 1.73 -18.39 12.75
CA SER A 324 2.23 -19.26 11.68
CA SER A 324 2.23 -19.32 11.73
C SER A 324 1.12 -19.82 10.81
N GLN A 325 -0.11 -19.99 11.35
CA GLN A 325 -1.29 -20.47 10.61
C GLN A 325 -1.63 -19.49 9.48
N SER A 326 -1.26 -18.21 9.67
CA SER A 326 -1.45 -17.19 8.64
C SER A 326 -0.21 -17.03 7.75
N CYS A 327 0.91 -16.50 8.30
CA CYS A 327 2.16 -16.13 7.60
C CYS A 327 2.88 -17.27 6.83
N ARG A 328 2.56 -18.53 7.16
CA ARG A 328 3.12 -19.67 6.46
C ARG A 328 2.13 -20.22 5.40
N PHE A 329 0.94 -19.61 5.30
CA PHE A 329 -0.12 -20.07 4.39
C PHE A 329 -0.65 -19.02 3.44
N ARG A 330 -0.63 -17.73 3.82
CA ARG A 330 -1.17 -16.64 3.00
C ARG A 330 -0.59 -15.30 3.42
N GLU A 331 -1.05 -14.20 2.77
CA GLU A 331 -0.67 -12.83 3.09
C GLU A 331 -1.10 -12.52 4.51
N CYS A 332 -0.15 -12.07 5.32
CA CYS A 332 -0.42 -11.68 6.70
C CYS A 332 0.07 -10.25 6.90
N ASN A 333 -0.68 -9.43 7.66
CA ASN A 333 -0.33 -8.01 7.81
C ASN A 333 0.96 -7.79 8.62
N MET A 334 1.40 -8.76 9.48
CA MET A 334 2.69 -8.59 10.17
C MET A 334 3.83 -8.65 9.13
N GLY A 335 3.69 -9.53 8.13
CA GLY A 335 4.66 -9.68 7.04
C GLY A 335 4.76 -8.45 6.17
N ASN A 336 3.60 -7.82 5.87
CA ASN A 336 3.50 -6.58 5.09
C ASN A 336 4.18 -5.43 5.84
N LEU A 337 3.95 -5.36 7.17
CA LEU A 337 4.54 -4.35 8.06
C LEU A 337 6.08 -4.42 8.05
N ILE A 338 6.65 -5.63 8.24
CA ILE A 338 8.09 -5.86 8.26
C ILE A 338 8.70 -5.50 6.89
N CYS A 339 8.14 -6.01 5.78
CA CYS A 339 8.64 -5.65 4.43
C CYS A 339 8.54 -4.14 4.12
N ASP A 340 7.52 -3.45 4.68
CA ASP A 340 7.39 -1.99 4.47
C ASP A 340 8.43 -1.23 5.30
N ALA A 341 8.72 -1.74 6.52
CA ALA A 341 9.74 -1.20 7.42
C ALA A 341 11.14 -1.40 6.79
N MET A 342 11.39 -2.56 6.11
CA MET A 342 12.63 -2.90 5.40
C MET A 342 12.88 -1.92 4.23
N ILE A 343 11.84 -1.60 3.45
CA ILE A 343 11.97 -0.67 2.30
C ILE A 343 12.16 0.78 2.80
N ASN A 344 11.35 1.21 3.81
CA ASN A 344 11.38 2.56 4.39
C ASN A 344 12.72 2.92 5.02
N ASN A 345 13.27 2.01 5.84
CA ASN A 345 14.57 2.21 6.50
C ASN A 345 15.71 2.33 5.51
N ASN A 346 15.67 1.53 4.42
CA ASN A 346 16.67 1.55 3.36
C ASN A 346 16.61 2.84 2.53
N LEU A 347 15.39 3.39 2.30
CA LEU A 347 15.21 4.63 1.53
C LEU A 347 15.54 5.89 2.35
N ARG A 348 15.58 5.76 3.69
CA ARG A 348 15.88 6.81 4.65
C ARG A 348 17.33 7.30 4.51
N HIS A 349 18.31 6.37 4.59
CA HIS A 349 19.73 6.68 4.44
C HIS A 349 20.24 6.31 3.05
N HIS A 357 17.37 3.63 -4.69
CA HIS A 357 15.98 3.21 -4.93
C HIS A 357 15.89 1.66 -4.92
N VAL A 358 15.18 1.10 -3.93
CA VAL A 358 14.89 -0.33 -3.76
C VAL A 358 13.40 -0.40 -3.45
N SER A 359 12.61 -0.95 -4.38
CA SER A 359 11.14 -1.04 -4.20
C SER A 359 10.61 -2.44 -3.84
N MET A 360 11.44 -3.49 -3.94
CA MET A 360 11.00 -4.88 -3.69
C MET A 360 11.58 -5.54 -2.42
N CYS A 361 10.73 -6.36 -1.75
CA CYS A 361 11.02 -7.09 -0.51
C CYS A 361 10.45 -8.51 -0.54
N ILE A 362 11.22 -9.48 0.00
CA ILE A 362 10.80 -10.88 0.25
C ILE A 362 11.16 -11.25 1.71
N LEU A 363 10.26 -11.96 2.42
CA LEU A 363 10.46 -12.36 3.82
C LEU A 363 9.81 -13.72 4.11
N ASN A 364 10.62 -14.69 4.54
CA ASN A 364 10.13 -16.04 4.87
C ASN A 364 9.22 -16.02 6.11
N GLY A 365 8.09 -16.71 6.03
CA GLY A 365 7.14 -16.84 7.13
C GLY A 365 7.77 -17.47 8.38
N GLY A 366 8.78 -18.32 8.17
CA GLY A 366 9.54 -18.97 9.23
C GLY A 366 10.38 -18.02 10.08
N GLY A 367 10.58 -16.79 9.58
CA GLY A 367 11.27 -15.70 10.28
C GLY A 367 10.34 -14.84 11.13
N ILE A 368 9.00 -15.01 10.98
CA ILE A 368 7.96 -14.26 11.72
C ILE A 368 7.46 -15.19 12.84
N ARG A 369 7.82 -14.87 14.09
CA ARG A 369 7.65 -15.80 15.21
C ARG A 369 6.52 -15.55 16.21
N SER A 370 5.77 -14.42 16.11
CA SER A 370 4.67 -14.14 17.06
C SER A 370 3.74 -13.02 16.59
N PRO A 371 2.43 -13.07 16.94
CA PRO A 371 1.57 -11.92 16.65
C PRO A 371 1.74 -10.86 17.76
N ILE A 372 1.13 -9.68 17.61
CA ILE A 372 1.13 -8.61 18.63
C ILE A 372 -0.33 -8.13 18.76
N ASP A 373 -0.86 -8.12 20.00
CA ASP A 373 -2.23 -7.69 20.30
C ASP A 373 -2.41 -6.15 20.40
N GLU A 374 -3.56 -5.64 19.89
CA GLU A 374 -3.90 -4.21 19.85
C GLU A 374 -4.75 -3.68 21.02
N ARG A 375 -5.32 -4.58 21.86
CA ARG A 375 -6.25 -4.23 22.96
C ARG A 375 -5.61 -3.54 24.19
N ASN A 376 -4.28 -3.62 24.37
CA ASN A 376 -3.58 -3.00 25.52
C ASN A 376 -3.24 -1.52 25.20
N ASP A 377 -4.27 -0.76 24.77
CA ASP A 377 -4.18 0.63 24.30
C ASP A 377 -3.23 0.75 23.06
N GLY A 378 -3.04 -0.39 22.38
CA GLY A 378 -2.20 -0.54 21.19
C GLY A 378 -0.70 -0.52 21.39
N THR A 379 -0.24 -0.46 22.66
CA THR A 379 1.17 -0.35 23.07
C THR A 379 2.05 -1.47 22.50
N ILE A 380 3.18 -1.05 21.88
CA ILE A 380 4.22 -1.92 21.33
C ILE A 380 5.51 -1.63 22.11
N THR A 381 6.08 -2.67 22.73
CA THR A 381 7.32 -2.61 23.50
C THR A 381 8.38 -3.49 22.85
N TRP A 382 9.64 -3.35 23.29
CA TRP A 382 10.79 -4.15 22.84
C TRP A 382 10.56 -5.65 23.09
N GLU A 383 9.81 -5.99 24.16
CA GLU A 383 9.49 -7.38 24.52
C GLU A 383 8.54 -8.01 23.48
N ASN A 384 7.48 -7.26 23.06
CA ASN A 384 6.50 -7.70 22.05
C ASN A 384 7.22 -7.96 20.72
N LEU A 385 8.15 -7.05 20.34
CA LEU A 385 8.94 -7.14 19.11
C LEU A 385 9.96 -8.26 19.11
N ALA A 386 10.71 -8.45 20.23
CA ALA A 386 11.73 -9.49 20.36
C ALA A 386 11.13 -10.89 20.22
N ALA A 387 9.81 -11.04 20.48
CA ALA A 387 9.12 -12.31 20.31
C ALA A 387 8.78 -12.56 18.82
N VAL A 388 8.66 -11.48 18.03
CA VAL A 388 8.37 -11.55 16.59
C VAL A 388 9.69 -11.84 15.83
N LEU A 389 10.76 -11.10 16.15
CA LEU A 389 12.07 -11.18 15.49
C LEU A 389 13.19 -11.45 16.52
N PRO A 390 13.43 -12.73 16.89
CA PRO A 390 14.43 -13.03 17.93
C PRO A 390 15.83 -13.47 17.49
N PHE A 391 16.09 -13.63 16.17
CA PHE A 391 17.36 -14.23 15.71
C PHE A 391 18.59 -13.32 15.65
N GLY A 392 18.40 -12.01 15.74
CA GLY A 392 19.51 -11.07 15.67
C GLY A 392 20.22 -11.05 14.32
N GLY A 393 19.44 -11.14 13.25
CA GLY A 393 19.95 -11.08 11.88
C GLY A 393 19.88 -9.67 11.30
N THR A 394 20.22 -9.53 10.01
CA THR A 394 20.17 -8.24 9.32
C THR A 394 19.27 -8.29 8.07
N PHE A 395 18.83 -7.11 7.59
CA PHE A 395 18.06 -6.95 6.35
C PHE A 395 19.02 -6.41 5.29
N ASP A 396 19.38 -7.26 4.31
CA ASP A 396 20.41 -6.97 3.30
C ASP A 396 19.92 -6.68 1.87
N LEU A 397 20.77 -5.94 1.10
CA LEU A 397 20.53 -5.56 -0.31
CA LEU A 397 20.50 -5.59 -0.29
C LEU A 397 21.13 -6.63 -1.21
N VAL A 398 20.32 -7.14 -2.16
CA VAL A 398 20.75 -8.17 -3.10
C VAL A 398 20.29 -7.80 -4.54
N GLN A 399 21.10 -8.20 -5.53
CA GLN A 399 20.81 -8.02 -6.96
C GLN A 399 20.47 -9.41 -7.49
N LEU A 400 19.30 -9.54 -8.15
CA LEU A 400 18.79 -10.83 -8.62
C LEU A 400 18.23 -10.81 -10.03
N LYS A 401 18.50 -11.89 -10.79
CA LYS A 401 17.95 -12.12 -12.12
C LYS A 401 16.44 -12.40 -11.94
N GLY A 402 15.66 -12.19 -13.01
CA GLY A 402 14.22 -12.44 -12.97
C GLY A 402 13.92 -13.91 -12.80
N SER A 403 14.76 -14.77 -13.42
CA SER A 403 14.70 -16.23 -13.34
C SER A 403 14.95 -16.73 -11.93
N THR A 404 15.90 -16.11 -11.20
CA THR A 404 16.21 -16.46 -9.80
C THR A 404 15.01 -16.20 -8.90
N LEU A 405 14.36 -15.01 -9.08
CA LEU A 405 13.19 -14.59 -8.30
CA LEU A 405 13.21 -14.62 -8.28
C LEU A 405 11.99 -15.50 -8.56
N LYS A 406 11.76 -15.87 -9.83
CA LYS A 406 10.66 -16.77 -10.24
C LYS A 406 10.81 -18.14 -9.51
N LYS A 407 12.06 -18.67 -9.45
CA LYS A 407 12.47 -19.92 -8.77
C LYS A 407 12.26 -19.82 -7.26
N ALA A 408 12.57 -18.65 -6.64
CA ALA A 408 12.35 -18.45 -5.20
C ALA A 408 10.86 -18.54 -4.89
N PHE A 409 9.99 -17.96 -5.76
CA PHE A 409 8.54 -18.00 -5.59
C PHE A 409 7.96 -19.41 -5.81
N GLU A 410 8.64 -20.24 -6.62
CA GLU A 410 8.26 -21.63 -6.87
C GLU A 410 8.60 -22.49 -5.66
N HIS A 411 9.79 -22.26 -5.06
CA HIS A 411 10.24 -22.95 -3.83
C HIS A 411 9.32 -22.58 -2.64
N SER A 412 8.81 -21.34 -2.63
CA SER A 412 7.88 -20.77 -1.63
C SER A 412 6.63 -21.65 -1.41
N VAL A 413 6.10 -22.27 -2.51
CA VAL A 413 4.89 -23.13 -2.49
C VAL A 413 5.12 -24.57 -3.01
N HIS A 414 6.39 -25.02 -3.18
CA HIS A 414 6.72 -26.33 -3.74
C HIS A 414 6.14 -27.53 -2.93
N ARG A 415 5.94 -27.37 -1.62
CA ARG A 415 5.37 -28.42 -0.75
C ARG A 415 4.31 -27.82 0.20
N TYR A 416 3.52 -26.86 -0.31
CA TYR A 416 2.46 -26.14 0.43
C TYR A 416 1.49 -27.09 1.16
N GLY A 417 1.16 -26.72 2.40
CA GLY A 417 0.22 -27.48 3.23
C GLY A 417 0.82 -28.19 4.44
N GLN A 418 2.17 -28.18 4.57
CA GLN A 418 2.88 -28.82 5.68
C GLN A 418 3.31 -27.84 6.79
N SER A 419 2.92 -26.54 6.66
CA SER A 419 3.23 -25.45 7.59
C SER A 419 4.74 -25.22 7.71
N THR A 420 5.45 -25.32 6.56
CA THR A 420 6.90 -25.12 6.46
C THR A 420 7.21 -23.62 6.32
N GLY A 421 8.41 -23.21 6.75
CA GLY A 421 8.78 -21.80 6.77
C GLY A 421 9.10 -21.05 5.49
N GLU A 422 9.30 -21.74 4.34
CA GLU A 422 9.71 -21.09 3.07
C GLU A 422 8.66 -20.19 2.37
N PHE A 423 7.39 -20.21 2.81
CA PHE A 423 6.32 -19.36 2.24
C PHE A 423 6.74 -17.88 2.38
N LEU A 424 6.70 -17.11 1.27
CA LEU A 424 7.17 -15.73 1.28
C LEU A 424 6.12 -14.64 1.48
N GLN A 425 6.42 -13.72 2.41
CA GLN A 425 5.67 -12.48 2.63
C GLN A 425 6.41 -11.46 1.71
N VAL A 426 5.67 -10.50 1.11
CA VAL A 426 6.27 -9.60 0.09
C VAL A 426 6.00 -8.09 0.30
N GLY A 427 6.77 -7.29 -0.44
CA GLY A 427 6.70 -5.83 -0.52
C GLY A 427 7.09 -5.38 -1.93
N GLY A 428 6.23 -4.60 -2.58
CA GLY A 428 6.44 -4.10 -3.94
C GLY A 428 6.34 -5.19 -5.00
N ILE A 429 5.65 -6.31 -4.65
CA ILE A 429 5.43 -7.49 -5.50
C ILE A 429 3.96 -7.95 -5.41
N HIS A 430 3.37 -8.32 -6.57
CA HIS A 430 2.03 -8.90 -6.65
C HIS A 430 2.15 -10.29 -7.26
N VAL A 431 1.94 -11.34 -6.46
CA VAL A 431 2.08 -12.73 -6.90
C VAL A 431 0.75 -13.50 -6.80
N VAL A 432 0.44 -14.29 -7.85
CA VAL A 432 -0.74 -15.17 -7.91
C VAL A 432 -0.23 -16.61 -8.08
N TYR A 433 -0.76 -17.54 -7.26
CA TYR A 433 -0.43 -18.95 -7.29
C TYR A 433 -1.64 -19.79 -7.68
N ASP A 434 -1.42 -20.90 -8.41
CA ASP A 434 -2.45 -21.88 -8.73
C ASP A 434 -1.87 -23.22 -8.24
N LEU A 435 -2.29 -23.63 -7.03
CA LEU A 435 -1.82 -24.83 -6.33
C LEU A 435 -2.24 -26.18 -6.97
N SER A 436 -3.24 -26.17 -7.87
CA SER A 436 -3.72 -27.37 -8.59
C SER A 436 -2.65 -27.91 -9.55
N ARG A 437 -1.74 -27.01 -9.99
CA ARG A 437 -0.63 -27.28 -10.90
C ARG A 437 0.52 -28.04 -10.22
N LYS A 438 1.41 -28.62 -11.03
CA LYS A 438 2.58 -29.39 -10.58
C LYS A 438 3.57 -28.48 -9.82
N PRO A 439 4.30 -28.99 -8.79
CA PRO A 439 5.30 -28.14 -8.11
C PRO A 439 6.40 -27.67 -9.07
N GLY A 440 6.73 -26.39 -8.98
CA GLY A 440 7.72 -25.75 -9.86
C GLY A 440 7.07 -25.06 -11.05
N ASP A 441 5.72 -25.12 -11.12
CA ASP A 441 4.91 -24.51 -12.19
C ASP A 441 3.58 -23.95 -11.59
N ARG A 442 3.64 -23.46 -10.34
CA ARG A 442 2.47 -22.93 -9.62
C ARG A 442 2.33 -21.39 -9.69
N VAL A 443 3.42 -20.67 -10.00
CA VAL A 443 3.43 -19.20 -10.12
C VAL A 443 2.79 -18.86 -11.49
N VAL A 444 1.52 -18.42 -11.46
CA VAL A 444 0.73 -18.08 -12.66
C VAL A 444 0.78 -16.58 -13.02
N LYS A 445 1.11 -15.71 -12.03
CA LYS A 445 1.25 -14.27 -12.23
C LYS A 445 2.29 -13.70 -11.27
N LEU A 446 3.19 -12.85 -11.79
CA LEU A 446 4.25 -12.21 -11.03
C LEU A 446 4.52 -10.79 -11.55
N ASP A 447 3.94 -9.79 -10.87
CA ASP A 447 4.12 -8.38 -11.24
C ASP A 447 4.98 -7.71 -10.19
N VAL A 448 5.87 -6.81 -10.64
CA VAL A 448 6.82 -6.10 -9.77
C VAL A 448 6.82 -4.60 -10.07
N LEU A 449 7.21 -3.79 -9.07
CA LEU A 449 7.30 -2.33 -9.15
C LEU A 449 8.51 -1.94 -10.00
N CYS A 450 8.35 -1.03 -10.97
CA CYS A 450 9.47 -0.61 -11.80
C CYS A 450 10.42 0.30 -11.00
N THR A 451 11.69 0.31 -11.39
CA THR A 451 12.73 1.11 -10.76
C THR A 451 13.26 2.15 -11.75
N LYS A 452 13.32 1.77 -13.04
CA LYS A 452 13.76 2.64 -14.13
C LYS A 452 12.55 3.38 -14.73
N CYS A 453 11.83 4.07 -13.86
CA CYS A 453 10.62 4.84 -14.17
C CYS A 453 10.54 6.01 -13.21
N ARG A 454 9.98 7.13 -13.67
CA ARG A 454 9.80 8.30 -12.82
C ARG A 454 8.61 8.09 -11.88
N VAL A 455 7.57 7.38 -12.37
CA VAL A 455 6.40 7.00 -11.56
C VAL A 455 6.39 5.47 -11.35
N PRO A 456 6.54 4.99 -10.10
CA PRO A 456 6.49 3.53 -9.85
C PRO A 456 5.12 2.90 -10.13
N SER A 457 5.13 1.76 -10.85
CA SER A 457 3.93 1.01 -11.24
C SER A 457 4.25 -0.48 -11.41
N TYR A 458 3.23 -1.33 -11.30
CA TYR A 458 3.40 -2.78 -11.41
C TYR A 458 3.46 -3.22 -12.87
N ASP A 459 4.53 -3.95 -13.18
CA ASP A 459 4.79 -4.47 -14.52
C ASP A 459 5.12 -5.95 -14.40
N PRO A 460 4.77 -6.81 -15.38
CA PRO A 460 5.11 -8.24 -15.26
C PRO A 460 6.62 -8.45 -15.16
N LEU A 461 7.04 -9.42 -14.33
CA LEU A 461 8.45 -9.76 -14.15
C LEU A 461 9.01 -10.32 -15.47
N LYS A 462 10.26 -9.95 -15.82
CA LYS A 462 10.95 -10.47 -17.02
C LYS A 462 12.09 -11.40 -16.56
N MET A 463 12.18 -12.63 -17.12
CA MET A 463 13.18 -13.64 -16.75
C MET A 463 14.62 -13.14 -16.93
N ASP A 464 14.88 -12.44 -18.04
CA ASP A 464 16.20 -11.89 -18.40
C ASP A 464 16.52 -10.52 -17.75
N GLU A 465 15.55 -9.93 -17.00
CA GLU A 465 15.76 -8.64 -16.32
C GLU A 465 16.47 -8.81 -14.95
N VAL A 466 17.04 -7.70 -14.41
CA VAL A 466 17.79 -7.70 -13.13
C VAL A 466 17.11 -6.76 -12.15
N TYR A 467 16.83 -7.25 -10.92
CA TYR A 467 16.11 -6.53 -9.87
C TYR A 467 16.90 -6.38 -8.57
N LYS A 468 16.64 -5.30 -7.82
CA LYS A 468 17.25 -5.02 -6.51
C LYS A 468 16.21 -5.31 -5.44
N VAL A 469 16.50 -6.30 -4.58
CA VAL A 469 15.58 -6.78 -3.53
C VAL A 469 16.16 -6.65 -2.12
N ILE A 470 15.33 -6.23 -1.13
CA ILE A 470 15.69 -6.23 0.29
C ILE A 470 15.11 -7.53 0.90
N LEU A 471 15.98 -8.32 1.55
CA LEU A 471 15.62 -9.60 2.18
C LEU A 471 16.49 -9.90 3.41
N PRO A 472 16.12 -10.86 4.30
CA PRO A 472 17.01 -11.16 5.43
C PRO A 472 18.29 -11.86 4.96
N ASN A 473 19.40 -11.62 5.71
CA ASN A 473 20.72 -12.23 5.50
CA ASN A 473 20.71 -12.23 5.48
C ASN A 473 20.58 -13.76 5.47
N PHE A 474 19.62 -14.31 6.25
CA PHE A 474 19.28 -15.73 6.36
C PHE A 474 18.94 -16.32 4.98
N LEU A 475 18.13 -15.61 4.17
CA LEU A 475 17.71 -16.00 2.81
C LEU A 475 18.84 -15.86 1.77
N ALA A 476 19.70 -14.82 1.90
CA ALA A 476 20.85 -14.60 1.01
C ALA A 476 21.91 -15.70 1.23
N ASN A 477 21.88 -16.34 2.43
CA ASN A 477 22.76 -17.44 2.83
C ASN A 477 22.14 -18.84 2.63
N GLY A 478 21.05 -18.90 1.87
CA GLY A 478 20.37 -20.15 1.52
C GLY A 478 19.50 -20.79 2.59
N GLY A 479 19.11 -20.02 3.60
CA GLY A 479 18.21 -20.49 4.66
C GLY A 479 16.85 -20.85 4.09
N ASP A 480 16.15 -21.81 4.73
CA ASP A 480 14.83 -22.32 4.30
C ASP A 480 14.87 -23.05 2.96
N GLY A 481 16.08 -23.44 2.52
CA GLY A 481 16.31 -24.16 1.28
C GLY A 481 16.40 -23.30 0.03
N PHE A 482 16.53 -21.95 0.19
CA PHE A 482 16.65 -20.99 -0.92
C PHE A 482 18.06 -21.00 -1.58
N GLN A 483 18.51 -22.19 -2.01
CA GLN A 483 19.79 -22.45 -2.67
C GLN A 483 20.00 -21.59 -3.93
N MET A 484 18.90 -21.34 -4.71
CA MET A 484 18.94 -20.51 -5.92
C MET A 484 19.35 -19.06 -5.59
N ILE A 485 18.98 -18.53 -4.42
CA ILE A 485 19.36 -17.16 -4.02
C ILE A 485 20.86 -17.10 -3.76
N LYS A 486 21.36 -17.97 -2.85
CA LYS A 486 22.78 -18.07 -2.47
C LYS A 486 23.71 -18.23 -3.71
N ASP A 487 23.37 -19.19 -4.60
CA ASP A 487 24.16 -19.54 -5.79
C ASP A 487 24.04 -18.60 -6.98
N GLU A 488 22.88 -17.92 -7.15
CA GLU A 488 22.68 -17.09 -8.35
C GLU A 488 22.73 -15.56 -8.13
N LEU A 489 22.76 -15.06 -6.87
CA LEU A 489 22.79 -13.59 -6.65
C LEU A 489 24.01 -12.93 -7.30
N LEU A 490 23.82 -11.69 -7.80
CA LEU A 490 24.87 -10.93 -8.49
C LEU A 490 25.59 -9.94 -7.57
N ARG A 491 24.94 -9.54 -6.46
CA ARG A 491 25.50 -8.59 -5.50
C ARG A 491 24.86 -8.83 -4.16
N HIS A 492 25.63 -8.63 -3.07
CA HIS A 492 25.12 -8.79 -1.71
C HIS A 492 25.82 -7.83 -0.75
N ASP A 493 25.06 -6.81 -0.28
CA ASP A 493 25.54 -5.80 0.66
C ASP A 493 24.97 -6.03 2.06
N SER A 494 25.79 -5.83 3.11
CA SER A 494 25.35 -5.98 4.51
C SER A 494 24.40 -4.87 4.93
N GLY A 495 23.36 -5.23 5.69
CA GLY A 495 22.36 -4.27 6.11
C GLY A 495 22.27 -4.01 7.60
N ASP A 496 21.17 -3.36 8.00
CA ASP A 496 20.89 -2.98 9.39
C ASP A 496 20.21 -4.12 10.15
N GLN A 497 20.38 -4.11 11.49
CA GLN A 497 19.84 -5.10 12.42
C GLN A 497 18.32 -5.18 12.32
N ASP A 498 17.78 -6.40 12.11
CA ASP A 498 16.36 -6.67 11.87
C ASP A 498 15.38 -5.96 12.83
N ILE A 499 15.49 -6.20 14.14
CA ILE A 499 14.65 -5.66 15.21
C ILE A 499 14.74 -4.12 15.29
N ASN A 500 15.94 -3.57 15.14
CA ASN A 500 16.17 -2.12 15.18
C ASN A 500 15.46 -1.39 14.02
N VAL A 501 15.46 -2.01 12.81
CA VAL A 501 14.79 -1.51 11.60
C VAL A 501 13.27 -1.40 11.85
N VAL A 502 12.67 -2.44 12.47
CA VAL A 502 11.22 -2.47 12.73
C VAL A 502 10.83 -1.48 13.87
N SER A 503 11.61 -1.41 14.98
CA SER A 503 11.33 -0.47 16.10
C SER A 503 11.44 1.01 15.68
N THR A 504 12.50 1.37 14.90
CA THR A 504 12.70 2.73 14.42
C THR A 504 11.57 3.18 13.50
N TYR A 505 11.06 2.25 12.64
CA TYR A 505 9.94 2.53 11.73
C TYR A 505 8.67 2.83 12.57
N ILE A 506 8.35 1.96 13.56
CA ILE A 506 7.19 2.11 14.43
C ILE A 506 7.25 3.46 15.21
N SER A 507 8.43 3.83 15.76
CA SER A 507 8.62 5.09 16.49
C SER A 507 8.41 6.30 15.57
N LYS A 508 8.84 6.19 14.30
CA LYS A 508 8.70 7.25 13.28
C LYS A 508 7.21 7.43 12.90
N MET A 509 6.52 6.32 12.57
CA MET A 509 5.11 6.31 12.17
C MET A 509 4.14 6.66 13.30
N LYS A 510 4.50 6.33 14.58
CA LYS A 510 3.76 6.58 15.85
C LYS A 510 2.54 5.68 15.99
N VAL A 511 1.63 5.73 14.98
CA VAL A 511 0.43 4.89 14.91
C VAL A 511 0.54 4.09 13.59
N ILE A 512 0.48 2.76 13.70
CA ILE A 512 0.57 1.83 12.57
C ILE A 512 -0.76 1.08 12.38
N TYR A 513 -1.07 0.73 11.12
CA TYR A 513 -2.31 0.06 10.74
C TYR A 513 -2.11 -0.83 9.48
N PRO A 514 -1.17 -1.80 9.45
CA PRO A 514 -1.00 -2.60 8.21
C PRO A 514 -2.21 -3.46 7.83
N ALA A 515 -2.52 -3.50 6.52
CA ALA A 515 -3.65 -4.28 5.99
C ALA A 515 -3.20 -5.46 5.11
N VAL A 516 -4.12 -6.42 4.87
CA VAL A 516 -3.96 -7.51 3.90
C VAL A 516 -4.55 -6.84 2.64
N GLU A 517 -3.71 -6.57 1.62
CA GLU A 517 -4.06 -5.77 0.44
C GLU A 517 -4.23 -6.51 -0.89
N GLY A 518 -3.87 -7.79 -0.94
CA GLY A 518 -3.90 -8.57 -2.17
C GLY A 518 -2.54 -8.69 -2.86
N ARG A 519 -1.44 -8.52 -2.09
CA ARG A 519 -0.05 -8.72 -2.54
C ARG A 519 0.15 -10.21 -2.91
N ILE A 520 -0.55 -11.14 -2.21
CA ILE A 520 -0.52 -12.59 -2.48
C ILE A 520 -1.94 -13.12 -2.75
N LYS A 521 -2.14 -13.74 -3.94
CA LYS A 521 -3.43 -14.29 -4.34
C LYS A 521 -3.35 -15.76 -4.79
N PHE A 522 -4.48 -16.49 -4.65
CA PHE A 522 -4.62 -17.90 -5.04
C PHE A 522 -5.70 -18.06 -6.11
N SER A 523 -5.42 -18.87 -7.15
CA SER A 523 -6.28 -19.17 -8.30
C SER A 523 -6.59 -20.67 -8.32
N TRP B 1 -11.10 39.21 -47.35
CA TRP B 1 -10.61 39.83 -46.12
C TRP B 1 -10.09 38.75 -45.16
N GLU B 2 -8.81 38.89 -44.77
CA GLU B 2 -8.16 37.92 -43.87
C GLU B 2 -7.99 38.40 -42.43
N LEU B 3 -8.37 37.55 -41.46
CA LEU B 3 -8.24 37.85 -40.04
C LEU B 3 -7.32 36.83 -39.37
N THR B 4 -6.43 37.29 -38.49
CA THR B 4 -5.57 36.40 -37.69
C THR B 4 -6.04 36.42 -36.25
N ILE B 5 -6.44 35.25 -35.75
CA ILE B 5 -6.85 35.09 -34.37
C ILE B 5 -5.72 34.47 -33.54
N LEU B 6 -5.25 35.23 -32.52
CA LEU B 6 -4.31 34.74 -31.51
C LEU B 6 -5.14 34.46 -30.24
N HIS B 7 -4.97 33.26 -29.64
CA HIS B 7 -5.81 32.93 -28.50
C HIS B 7 -5.12 32.07 -27.42
N THR B 8 -5.44 32.39 -26.16
CA THR B 8 -5.01 31.68 -24.95
C THR B 8 -6.24 31.27 -24.15
N ASN B 9 -6.09 30.21 -23.34
CA ASN B 9 -7.16 29.69 -22.46
C ASN B 9 -6.51 28.90 -21.34
N ASP B 10 -7.14 28.92 -20.14
CA ASP B 10 -6.71 28.16 -18.96
C ASP B 10 -5.23 28.43 -18.60
N VAL B 11 -4.81 29.71 -18.65
CA VAL B 11 -3.43 30.13 -18.34
C VAL B 11 -3.11 29.74 -16.87
N HIS B 12 -4.13 29.87 -15.98
CA HIS B 12 -4.08 29.45 -14.58
C HIS B 12 -2.84 29.93 -13.80
N SER B 13 -2.68 31.28 -13.72
CA SER B 13 -1.64 31.98 -12.96
C SER B 13 -0.21 31.60 -13.33
N ARG B 14 0.03 31.10 -14.56
CA ARG B 14 1.39 30.80 -15.00
C ARG B 14 2.01 32.07 -15.62
N LEU B 15 2.23 33.12 -14.78
CA LEU B 15 2.82 34.42 -15.18
C LEU B 15 4.28 34.25 -15.56
N GLU B 16 5.02 33.39 -14.82
CA GLU B 16 6.42 33.10 -15.09
C GLU B 16 6.52 31.88 -15.99
N GLN B 17 7.67 31.72 -16.67
CA GLN B 17 7.94 30.54 -17.47
C GLN B 17 7.96 29.32 -16.54
N THR B 18 7.57 28.15 -17.07
CA THR B 18 7.46 26.94 -16.28
C THR B 18 8.26 25.80 -16.92
N SER B 19 8.31 24.65 -16.23
CA SER B 19 8.86 23.40 -16.76
C SER B 19 7.81 22.95 -17.80
N GLU B 20 8.18 22.09 -18.77
CA GLU B 20 7.25 21.63 -19.82
C GLU B 20 5.92 20.99 -19.28
N ASP B 21 5.95 20.38 -18.07
CA ASP B 21 4.75 19.79 -17.44
C ASP B 21 3.92 20.88 -16.71
N SER B 22 4.36 22.14 -16.86
CA SER B 22 3.78 23.38 -16.34
C SER B 22 3.95 23.57 -14.82
N SER B 23 4.84 22.78 -14.19
CA SER B 23 5.23 22.96 -12.78
C SER B 23 6.40 24.00 -12.77
N LYS B 24 6.90 24.38 -11.57
CA LYS B 24 7.91 25.42 -11.40
C LYS B 24 9.17 25.27 -12.27
N CYS B 25 9.63 26.38 -12.90
CA CYS B 25 10.84 26.38 -13.72
C CYS B 25 12.09 26.21 -12.85
N VAL B 26 12.88 25.14 -13.11
CA VAL B 26 14.13 24.87 -12.39
C VAL B 26 15.30 25.02 -13.41
N ASP B 27 15.33 24.14 -14.42
CA ASP B 27 16.32 24.16 -15.50
C ASP B 27 15.82 25.17 -16.55
N ALA B 28 16.16 26.46 -16.34
CA ALA B 28 15.75 27.62 -17.15
C ALA B 28 15.95 27.50 -18.67
N SER B 29 16.98 26.76 -19.10
CA SER B 29 17.33 26.55 -20.51
C SER B 29 16.27 25.78 -21.31
N ARG B 30 15.43 24.99 -20.64
CA ARG B 30 14.38 24.14 -21.23
C ARG B 30 12.97 24.58 -20.81
N CYS B 31 12.88 25.73 -20.11
CA CYS B 31 11.61 26.27 -19.63
C CYS B 31 10.79 26.90 -20.76
N MET B 32 9.46 26.94 -20.59
CA MET B 32 8.48 27.35 -21.59
C MET B 32 7.42 28.31 -21.05
N GLY B 33 6.64 28.93 -21.95
CA GLY B 33 5.54 29.82 -21.59
C GLY B 33 5.89 31.06 -20.81
N GLY B 34 4.94 31.53 -19.99
CA GLY B 34 5.07 32.76 -19.22
C GLY B 34 4.68 33.95 -20.09
N VAL B 35 4.29 35.09 -19.48
CA VAL B 35 3.82 36.28 -20.22
C VAL B 35 4.95 37.04 -20.97
N ALA B 36 6.22 36.95 -20.48
CA ALA B 36 7.35 37.64 -21.14
C ALA B 36 7.60 37.04 -22.54
N ARG B 37 7.59 35.69 -22.64
CA ARG B 37 7.79 34.95 -23.89
C ARG B 37 6.60 35.16 -24.84
N LEU B 38 5.36 35.06 -24.29
CA LEU B 38 4.11 35.24 -25.04
C LEU B 38 4.10 36.62 -25.74
N PHE B 39 4.55 37.70 -25.06
CA PHE B 39 4.63 39.05 -25.63
C PHE B 39 5.53 39.10 -26.85
N THR B 40 6.72 38.45 -26.80
CA THR B 40 7.67 38.41 -27.93
C THR B 40 7.00 37.82 -29.17
N LYS B 41 6.34 36.64 -29.03
CA LYS B 41 5.65 35.97 -30.13
C LYS B 41 4.48 36.83 -30.71
N VAL B 42 3.63 37.39 -29.82
CA VAL B 42 2.49 38.26 -30.20
C VAL B 42 2.96 39.45 -31.06
N GLN B 43 4.05 40.13 -30.63
CA GLN B 43 4.62 41.27 -31.38
C GLN B 43 5.15 40.88 -32.76
N GLN B 44 5.69 39.63 -32.90
CA GLN B 44 6.22 39.12 -34.18
C GLN B 44 5.12 38.97 -35.21
N ILE B 45 3.93 38.56 -34.75
CA ILE B 45 2.74 38.36 -35.58
C ILE B 45 2.08 39.69 -35.94
N ARG B 46 1.88 40.57 -34.92
CA ARG B 46 1.28 41.89 -35.10
C ARG B 46 2.04 42.76 -36.12
N ARG B 47 3.39 42.69 -36.13
CA ARG B 47 4.19 43.48 -37.09
C ARG B 47 4.18 42.91 -38.51
N ALA B 48 3.84 41.61 -38.66
CA ALA B 48 3.80 40.93 -39.95
C ALA B 48 2.41 40.90 -40.63
N GLU B 49 1.33 40.80 -39.84
CA GLU B 49 -0.06 40.66 -40.31
C GLU B 49 -0.89 41.92 -40.05
N PRO B 50 -1.76 42.34 -41.01
CA PRO B 50 -2.54 43.58 -40.77
C PRO B 50 -3.75 43.46 -39.84
N ASN B 51 -4.54 42.37 -39.93
CA ASN B 51 -5.76 42.23 -39.10
C ASN B 51 -5.59 41.19 -37.99
N VAL B 52 -5.17 41.64 -36.78
CA VAL B 52 -4.86 40.73 -35.64
C VAL B 52 -5.69 41.02 -34.37
N LEU B 53 -6.26 39.94 -33.77
CA LEU B 53 -6.99 39.99 -32.51
C LEU B 53 -6.33 39.00 -31.53
N LEU B 54 -6.09 39.46 -30.27
CA LEU B 54 -5.55 38.65 -29.19
C LEU B 54 -6.68 38.42 -28.19
N LEU B 55 -7.13 37.16 -28.08
CA LEU B 55 -8.26 36.74 -27.26
C LEU B 55 -7.92 35.74 -26.15
N ASP B 56 -8.63 35.83 -25.01
CA ASP B 56 -8.49 34.89 -23.89
C ASP B 56 -9.85 34.25 -23.57
N ALA B 57 -9.90 32.91 -23.53
CA ALA B 57 -11.14 32.18 -23.29
C ALA B 57 -11.35 31.75 -21.82
N GLY B 58 -10.80 32.53 -20.88
CA GLY B 58 -11.05 32.35 -19.45
C GLY B 58 -10.08 31.49 -18.66
N ASP B 59 -10.29 31.50 -17.34
CA ASP B 59 -9.50 30.76 -16.34
C ASP B 59 -8.05 31.26 -16.27
N GLN B 60 -7.90 32.60 -16.15
CA GLN B 60 -6.61 33.24 -15.92
C GLN B 60 -6.31 33.14 -14.39
N TYR B 61 -7.39 33.27 -13.57
CA TYR B 61 -7.42 33.17 -12.11
C TYR B 61 -7.05 31.74 -11.64
N GLN B 62 -6.37 31.65 -10.46
CA GLN B 62 -6.00 30.41 -9.72
C GLN B 62 -4.94 29.51 -10.37
N GLY B 63 -3.92 29.12 -9.61
CA GLY B 63 -2.92 28.18 -10.10
C GLY B 63 -1.57 28.18 -9.40
N THR B 64 -1.07 29.37 -9.02
CA THR B 64 0.24 29.58 -8.38
C THR B 64 0.13 30.65 -7.28
N ILE B 65 1.20 30.79 -6.46
CA ILE B 65 1.29 31.80 -5.38
C ILE B 65 1.13 33.25 -5.91
N TRP B 66 1.29 33.46 -7.24
CA TRP B 66 1.07 34.76 -7.91
C TRP B 66 -0.38 35.24 -7.67
N PHE B 67 -1.35 34.31 -7.75
CA PHE B 67 -2.76 34.57 -7.49
C PHE B 67 -3.06 34.55 -5.99
N THR B 68 -2.40 33.68 -5.21
CA THR B 68 -2.59 33.59 -3.75
C THR B 68 -2.27 34.96 -3.12
N VAL B 69 -1.17 35.60 -3.57
CA VAL B 69 -0.68 36.89 -3.08
C VAL B 69 -1.35 38.12 -3.74
N TYR B 70 -1.37 38.20 -5.10
CA TYR B 70 -1.89 39.37 -5.82
C TYR B 70 -3.40 39.33 -6.15
N LYS B 71 -4.04 38.14 -6.05
CA LYS B 71 -5.50 37.90 -6.19
C LYS B 71 -6.17 38.53 -7.44
N GLY B 72 -5.54 38.38 -8.59
CA GLY B 72 -6.07 38.90 -9.86
C GLY B 72 -5.53 40.22 -10.33
N ALA B 73 -4.84 40.98 -9.45
CA ALA B 73 -4.23 42.28 -9.81
C ALA B 73 -3.11 42.10 -10.83
N GLU B 74 -2.41 40.95 -10.75
CA GLU B 74 -1.32 40.55 -11.66
C GLU B 74 -1.90 40.23 -13.05
N VAL B 75 -3.11 39.61 -13.08
CA VAL B 75 -3.87 39.26 -14.30
C VAL B 75 -4.21 40.53 -15.08
N ALA B 76 -4.83 41.55 -14.44
CA ALA B 76 -5.21 42.82 -15.09
C ALA B 76 -3.98 43.57 -15.60
N HIS B 77 -2.95 43.70 -14.75
CA HIS B 77 -1.70 44.38 -15.10
C HIS B 77 -0.98 43.75 -16.30
N PHE B 78 -0.74 42.42 -16.29
CA PHE B 78 0.01 41.77 -17.36
C PHE B 78 -0.82 41.55 -18.63
N MET B 79 -2.15 41.24 -18.55
CA MET B 79 -3.01 41.18 -19.74
C MET B 79 -3.10 42.56 -20.43
N ASN B 80 -3.06 43.67 -19.63
CA ASN B 80 -3.07 45.04 -20.18
C ASN B 80 -1.76 45.34 -20.90
N ALA B 81 -0.61 44.90 -20.32
CA ALA B 81 0.73 45.09 -20.90
C ALA B 81 0.85 44.37 -22.25
N LEU B 82 0.12 43.26 -22.42
CA LEU B 82 0.10 42.43 -23.64
C LEU B 82 -0.94 42.91 -24.66
N ARG B 83 -1.82 43.84 -24.23
CA ARG B 83 -2.89 44.48 -24.99
C ARG B 83 -3.88 43.48 -25.60
N TYR B 84 -4.44 42.57 -24.75
CA TYR B 84 -5.49 41.65 -25.15
C TYR B 84 -6.66 42.51 -25.68
N ASP B 85 -7.36 42.02 -26.72
CA ASP B 85 -8.48 42.69 -27.35
C ASP B 85 -9.81 42.36 -26.65
N ALA B 86 -9.96 41.14 -26.12
CA ALA B 86 -11.17 40.69 -25.40
C ALA B 86 -10.85 39.43 -24.57
N MET B 87 -11.62 39.23 -23.48
CA MET B 87 -11.55 38.06 -22.59
C MET B 87 -12.96 37.61 -22.22
N ALA B 88 -13.18 36.28 -22.17
CA ALA B 88 -14.45 35.71 -21.72
C ALA B 88 -14.26 35.14 -20.31
N LEU B 89 -15.25 35.30 -19.42
CA LEU B 89 -15.17 34.82 -18.05
C LEU B 89 -15.18 33.30 -17.95
N GLY B 90 -14.25 32.75 -17.16
CA GLY B 90 -14.17 31.33 -16.85
C GLY B 90 -14.72 31.09 -15.44
N ASN B 91 -14.89 29.80 -15.04
CA ASN B 91 -15.39 29.47 -13.69
C ASN B 91 -14.42 29.95 -12.60
N HIS B 92 -13.09 29.86 -12.86
CA HIS B 92 -12.07 30.24 -11.87
C HIS B 92 -12.06 31.75 -11.57
N GLU B 93 -12.62 32.59 -12.46
CA GLU B 93 -12.76 34.05 -12.23
C GLU B 93 -13.68 34.39 -11.02
N PHE B 94 -14.42 33.39 -10.48
CA PHE B 94 -15.35 33.51 -9.36
C PHE B 94 -14.86 32.85 -8.05
N ASP B 95 -13.60 32.36 -8.05
CA ASP B 95 -12.96 31.68 -6.92
C ASP B 95 -12.92 32.50 -5.62
N ASN B 96 -12.76 33.83 -5.74
CA ASN B 96 -12.72 34.77 -4.62
C ASN B 96 -14.02 35.60 -4.51
N GLY B 97 -15.12 35.02 -5.01
CA GLY B 97 -16.44 35.64 -5.00
C GLY B 97 -16.59 36.71 -6.07
N VAL B 98 -17.76 37.39 -6.11
CA VAL B 98 -18.03 38.47 -7.05
C VAL B 98 -17.17 39.70 -6.73
N GLU B 99 -16.97 39.97 -5.40
CA GLU B 99 -16.15 41.07 -4.89
C GLU B 99 -14.69 40.92 -5.40
N GLY B 100 -14.21 39.67 -5.42
CA GLY B 100 -12.88 39.28 -5.88
C GLY B 100 -12.67 39.29 -7.39
N LEU B 101 -13.75 39.51 -8.17
CA LEU B 101 -13.72 39.62 -9.63
C LEU B 101 -13.81 41.10 -10.05
N ILE B 102 -14.79 41.84 -9.46
CA ILE B 102 -15.09 43.26 -9.70
C ILE B 102 -13.90 44.19 -9.38
N GLU B 103 -13.39 44.16 -8.12
CA GLU B 103 -12.32 45.06 -7.67
C GLU B 103 -10.97 44.80 -8.35
N PRO B 104 -10.34 43.59 -8.33
CA PRO B 104 -9.06 43.44 -9.01
C PRO B 104 -9.10 43.37 -10.53
N LEU B 105 -10.08 42.64 -11.13
CA LEU B 105 -10.08 42.48 -12.58
C LEU B 105 -11.04 43.39 -13.39
N LEU B 106 -12.37 43.35 -13.16
CA LEU B 106 -13.33 44.11 -13.98
C LEU B 106 -13.08 45.64 -14.02
N LYS B 107 -12.69 46.23 -12.88
CA LYS B 107 -12.43 47.66 -12.76
C LYS B 107 -11.06 48.09 -13.30
N GLU B 108 -10.10 47.15 -13.35
CA GLU B 108 -8.74 47.47 -13.80
C GLU B 108 -8.41 47.06 -15.24
N ALA B 109 -9.22 46.18 -15.87
CA ALA B 109 -8.96 45.75 -17.25
C ALA B 109 -9.22 46.86 -18.27
N LYS B 110 -8.28 47.06 -19.23
CA LYS B 110 -8.40 48.09 -20.28
C LYS B 110 -8.97 47.48 -21.58
N PHE B 111 -9.53 46.28 -21.48
CA PHE B 111 -10.12 45.49 -22.57
C PHE B 111 -11.51 44.97 -22.16
N PRO B 112 -12.45 44.72 -23.12
CA PRO B 112 -13.77 44.22 -22.73
C PRO B 112 -13.75 42.79 -22.17
N ILE B 113 -14.55 42.57 -21.11
CA ILE B 113 -14.68 41.26 -20.46
C ILE B 113 -16.11 40.79 -20.71
N LEU B 114 -16.23 39.62 -21.35
CA LEU B 114 -17.51 39.14 -21.90
C LEU B 114 -18.09 37.86 -21.30
N SER B 115 -19.45 37.81 -21.27
CA SER B 115 -20.32 36.69 -20.90
C SER B 115 -21.77 37.05 -21.12
N ALA B 116 -22.36 36.48 -22.17
CA ALA B 116 -23.75 36.67 -22.57
C ALA B 116 -24.76 35.88 -21.71
N ASN B 117 -24.34 34.75 -21.10
CA ASN B 117 -25.23 33.88 -20.32
C ASN B 117 -25.19 34.07 -18.79
N ILE B 118 -24.53 35.13 -18.31
CA ILE B 118 -24.51 35.44 -16.87
C ILE B 118 -25.43 36.67 -16.67
N LYS B 119 -26.50 36.52 -15.86
CA LYS B 119 -27.45 37.60 -15.57
C LYS B 119 -27.45 37.98 -14.09
N ALA B 120 -27.27 39.26 -13.79
CA ALA B 120 -27.25 39.77 -12.42
C ALA B 120 -28.63 40.25 -11.92
N LYS B 121 -28.90 40.04 -10.64
CA LYS B 121 -30.14 40.42 -9.97
C LYS B 121 -29.88 41.00 -8.57
N GLY B 122 -30.89 41.67 -8.01
CA GLY B 122 -30.84 42.24 -6.68
C GLY B 122 -29.96 43.48 -6.55
N PRO B 123 -29.27 43.62 -5.39
CA PRO B 123 -28.39 44.82 -5.20
C PRO B 123 -27.13 44.84 -6.07
N LEU B 124 -26.57 43.66 -6.40
CA LEU B 124 -25.37 43.48 -7.21
C LEU B 124 -25.52 44.00 -8.65
N ALA B 125 -26.73 43.86 -9.24
CA ALA B 125 -27.07 44.25 -10.63
C ALA B 125 -26.69 45.68 -11.00
N SER B 126 -26.91 46.64 -10.07
CA SER B 126 -26.58 48.05 -10.30
C SER B 126 -25.07 48.30 -10.18
N GLN B 127 -24.41 47.53 -9.29
CA GLN B 127 -22.98 47.60 -9.01
C GLN B 127 -22.11 47.01 -10.13
N ILE B 128 -22.58 45.94 -10.82
CA ILE B 128 -21.82 45.24 -11.86
C ILE B 128 -22.25 45.66 -13.32
N SER B 129 -23.07 46.74 -13.46
CA SER B 129 -23.54 47.24 -14.76
C SER B 129 -22.39 47.84 -15.58
N GLY B 130 -22.17 47.30 -16.78
CA GLY B 130 -21.11 47.74 -17.68
C GLY B 130 -19.73 47.19 -17.38
N LEU B 131 -19.54 46.58 -16.19
CA LEU B 131 -18.26 45.99 -15.76
C LEU B 131 -17.85 44.79 -16.62
N TYR B 132 -18.85 44.05 -17.11
CA TYR B 132 -18.72 42.95 -18.07
C TYR B 132 -19.85 43.11 -19.09
N LEU B 133 -19.70 42.58 -20.31
CA LEU B 133 -20.70 42.77 -21.36
C LEU B 133 -21.13 41.47 -22.05
N PRO B 134 -22.33 41.41 -22.70
CA PRO B 134 -22.67 40.19 -23.44
C PRO B 134 -21.86 40.01 -24.75
N TYR B 135 -21.46 41.13 -25.39
CA TYR B 135 -20.70 41.15 -26.64
C TYR B 135 -19.88 42.43 -26.81
N LYS B 136 -18.94 42.44 -27.76
CA LYS B 136 -18.20 43.63 -28.15
C LYS B 136 -17.94 43.62 -29.66
N VAL B 137 -18.25 44.76 -30.32
CA VAL B 137 -18.04 44.97 -31.74
C VAL B 137 -16.71 45.71 -31.88
N LEU B 138 -15.69 45.01 -32.37
CA LEU B 138 -14.37 45.59 -32.47
C LEU B 138 -13.98 46.00 -33.89
N PRO B 139 -13.49 47.24 -34.09
CA PRO B 139 -12.99 47.62 -35.42
C PRO B 139 -11.66 46.90 -35.66
N VAL B 140 -11.53 46.26 -36.84
CA VAL B 140 -10.31 45.58 -37.29
C VAL B 140 -10.05 46.14 -38.69
N GLY B 141 -9.12 47.09 -38.76
CA GLY B 141 -8.79 47.81 -39.99
C GLY B 141 -9.98 48.65 -40.41
N ASP B 142 -10.48 48.42 -41.63
CA ASP B 142 -11.66 49.13 -42.14
C ASP B 142 -12.94 48.30 -41.99
N GLU B 143 -12.84 47.17 -41.26
CA GLU B 143 -13.95 46.26 -41.01
C GLU B 143 -14.34 46.24 -39.52
N VAL B 144 -15.36 45.45 -39.21
CA VAL B 144 -15.85 45.29 -37.85
C VAL B 144 -16.05 43.78 -37.55
N VAL B 145 -15.67 43.33 -36.32
CA VAL B 145 -15.80 41.94 -35.88
C VAL B 145 -16.57 41.88 -34.53
N GLY B 146 -17.65 41.12 -34.51
CA GLY B 146 -18.45 40.90 -33.32
C GLY B 146 -17.94 39.71 -32.51
N ILE B 147 -17.73 39.90 -31.21
CA ILE B 147 -17.27 38.86 -30.29
C ILE B 147 -18.33 38.67 -29.20
N VAL B 148 -18.92 37.47 -29.12
CA VAL B 148 -19.94 37.09 -28.15
C VAL B 148 -19.34 36.12 -27.10
N GLY B 149 -19.50 36.43 -25.82
CA GLY B 149 -18.94 35.64 -24.72
C GLY B 149 -19.89 34.66 -24.04
N TYR B 150 -19.32 33.61 -23.43
CA TYR B 150 -20.10 32.60 -22.68
C TYR B 150 -19.24 31.93 -21.58
N THR B 151 -19.91 31.49 -20.48
CA THR B 151 -19.28 30.86 -19.31
C THR B 151 -20.05 29.61 -18.90
N SER B 152 -19.33 28.52 -18.54
CA SER B 152 -19.88 27.23 -18.13
C SER B 152 -21.08 27.40 -17.20
N LYS B 153 -22.19 26.76 -17.54
CA LYS B 153 -23.42 26.76 -16.74
C LYS B 153 -23.17 25.99 -15.42
N GLU B 154 -22.03 25.25 -15.32
CA GLU B 154 -21.64 24.44 -14.14
C GLU B 154 -20.88 25.23 -13.07
N THR B 155 -20.51 26.52 -13.37
CA THR B 155 -19.77 27.43 -12.48
C THR B 155 -20.30 27.41 -11.02
N PRO B 156 -21.64 27.51 -10.69
CA PRO B 156 -22.06 27.40 -9.26
C PRO B 156 -21.61 26.15 -8.51
N PHE B 157 -21.34 25.03 -9.22
CA PHE B 157 -20.88 23.78 -8.59
C PHE B 157 -19.34 23.66 -8.60
N LEU B 158 -18.65 24.66 -9.20
CA LEU B 158 -17.18 24.63 -9.33
C LEU B 158 -16.46 25.78 -8.65
N SER B 159 -17.19 26.85 -8.34
CA SER B 159 -16.60 28.09 -7.83
C SER B 159 -17.55 28.83 -6.85
N ASN B 160 -17.30 30.12 -6.58
CA ASN B 160 -18.13 30.91 -5.65
C ASN B 160 -18.80 32.17 -6.31
N PRO B 161 -19.72 32.02 -7.32
CA PRO B 161 -20.32 33.23 -7.90
C PRO B 161 -21.39 33.93 -7.05
N GLY B 162 -21.90 33.23 -6.02
CA GLY B 162 -22.94 33.77 -5.15
C GLY B 162 -24.35 33.60 -5.72
N THR B 163 -25.37 34.06 -4.98
CA THR B 163 -26.78 33.90 -5.34
C THR B 163 -27.35 34.99 -6.26
N ASN B 164 -26.66 36.14 -6.40
CA ASN B 164 -27.16 37.24 -7.23
C ASN B 164 -26.77 37.13 -8.73
N LEU B 165 -26.19 35.98 -9.15
CA LEU B 165 -25.86 35.71 -10.55
C LEU B 165 -26.58 34.45 -11.03
N VAL B 166 -27.25 34.55 -12.19
CA VAL B 166 -27.97 33.42 -12.80
C VAL B 166 -27.22 32.97 -14.05
N PHE B 167 -26.90 31.65 -14.11
CA PHE B 167 -26.16 31.02 -15.20
C PHE B 167 -27.16 30.37 -16.14
N GLU B 168 -27.44 31.03 -17.27
CA GLU B 168 -28.39 30.52 -18.26
C GLU B 168 -27.71 29.52 -19.18
N ASP B 169 -28.51 28.77 -19.94
CA ASP B 169 -28.03 27.84 -20.96
C ASP B 169 -27.30 28.67 -22.05
N GLU B 170 -26.03 28.29 -22.37
CA GLU B 170 -25.16 28.97 -23.34
C GLU B 170 -25.84 29.24 -24.68
N ILE B 171 -26.40 28.20 -25.32
CA ILE B 171 -27.05 28.32 -26.63
C ILE B 171 -28.28 29.27 -26.58
N THR B 172 -29.15 29.12 -25.56
CA THR B 172 -30.34 29.94 -25.36
C THR B 172 -30.02 31.45 -25.22
N ALA B 173 -28.98 31.79 -24.42
CA ALA B 173 -28.58 33.17 -24.17
C ALA B 173 -27.75 33.81 -25.28
N LEU B 174 -27.04 32.98 -26.08
CA LEU B 174 -26.20 33.47 -27.18
C LEU B 174 -27.01 33.86 -28.41
N GLN B 175 -28.11 33.12 -28.70
CA GLN B 175 -28.94 33.42 -29.89
C GLN B 175 -29.50 34.87 -29.94
N PRO B 176 -30.11 35.46 -28.87
CA PRO B 176 -30.60 36.86 -29.01
C PRO B 176 -29.47 37.86 -29.24
N GLU B 177 -28.25 37.56 -28.73
CA GLU B 177 -27.08 38.42 -28.90
C GLU B 177 -26.57 38.41 -30.36
N VAL B 178 -26.43 37.20 -30.96
CA VAL B 178 -25.97 37.06 -32.36
C VAL B 178 -26.96 37.74 -33.32
N ASP B 179 -28.27 37.52 -33.10
CA ASP B 179 -29.36 38.13 -33.89
C ASP B 179 -29.30 39.66 -33.88
N LYS B 180 -29.02 40.26 -32.70
CA LYS B 180 -28.89 41.72 -32.50
C LYS B 180 -27.72 42.26 -33.36
N LEU B 181 -26.58 41.53 -33.39
CA LEU B 181 -25.39 41.91 -34.17
C LEU B 181 -25.66 41.91 -35.67
N LYS B 182 -26.44 40.91 -36.15
CA LYS B 182 -26.82 40.78 -37.56
C LYS B 182 -27.75 41.92 -38.00
N THR B 183 -28.66 42.37 -37.10
CA THR B 183 -29.55 43.52 -37.39
C THR B 183 -28.71 44.82 -37.48
N LEU B 184 -27.56 44.86 -36.77
CA LEU B 184 -26.61 45.97 -36.73
C LEU B 184 -25.55 45.89 -37.85
N ASN B 185 -25.78 44.97 -38.81
CA ASN B 185 -24.96 44.69 -39.99
C ASN B 185 -23.52 44.25 -39.66
N VAL B 186 -23.37 43.52 -38.55
CA VAL B 186 -22.08 42.93 -38.16
C VAL B 186 -22.11 41.52 -38.77
N ASN B 187 -21.38 41.31 -39.88
CA ASN B 187 -21.41 40.04 -40.61
C ASN B 187 -20.31 39.04 -40.19
N LYS B 188 -19.33 39.46 -39.36
CA LYS B 188 -18.26 38.58 -38.88
C LYS B 188 -18.39 38.38 -37.36
N ILE B 189 -18.75 37.15 -36.93
CA ILE B 189 -19.02 36.85 -35.52
C ILE B 189 -18.20 35.65 -34.97
N ILE B 190 -17.46 35.92 -33.88
CA ILE B 190 -16.68 34.94 -33.13
C ILE B 190 -17.36 34.67 -31.77
N ALA B 191 -17.60 33.38 -31.46
CA ALA B 191 -18.09 32.93 -30.17
C ALA B 191 -16.85 32.59 -29.32
N LEU B 192 -16.60 33.38 -28.25
CA LEU B 192 -15.44 33.22 -27.35
C LEU B 192 -15.93 32.87 -25.96
N GLY B 193 -15.57 31.70 -25.44
CA GLY B 193 -16.06 31.31 -24.12
C GLY B 193 -15.41 30.15 -23.42
N HIS B 194 -15.96 29.84 -22.22
CA HIS B 194 -15.41 28.85 -21.31
C HIS B 194 -16.39 27.78 -20.84
N SER B 195 -16.66 26.76 -21.68
CA SER B 195 -17.61 25.68 -21.35
C SER B 195 -17.08 24.28 -21.67
N GLY B 196 -15.96 24.19 -22.39
CA GLY B 196 -15.38 22.90 -22.77
C GLY B 196 -15.68 22.58 -24.22
N PHE B 197 -14.85 21.71 -24.80
CA PHE B 197 -14.88 21.29 -26.21
C PHE B 197 -16.22 20.73 -26.68
N GLU B 198 -16.92 19.93 -25.86
CA GLU B 198 -18.22 19.37 -26.22
C GLU B 198 -19.29 20.44 -26.42
N MET B 199 -19.33 21.44 -25.52
CA MET B 199 -20.27 22.57 -25.62
C MET B 199 -19.90 23.50 -26.78
N ASP B 200 -18.58 23.66 -27.06
CA ASP B 200 -18.05 24.48 -28.17
C ASP B 200 -18.54 23.96 -29.53
N LYS B 201 -18.56 22.62 -29.71
CA LYS B 201 -19.05 21.96 -30.94
C LYS B 201 -20.57 22.12 -31.07
N LEU B 202 -21.30 22.12 -29.92
CA LEU B 202 -22.74 22.32 -29.84
C LEU B 202 -23.12 23.76 -30.24
N ILE B 203 -22.35 24.75 -29.74
CA ILE B 203 -22.51 26.19 -30.06
C ILE B 203 -22.28 26.42 -31.56
N ALA B 204 -21.27 25.75 -32.14
CA ALA B 204 -20.93 25.83 -33.57
C ALA B 204 -22.05 25.29 -34.48
N GLN B 205 -22.75 24.24 -34.00
CA GLN B 205 -23.82 23.57 -34.73
C GLN B 205 -25.19 24.27 -34.62
N LYS B 206 -25.54 24.75 -33.42
CA LYS B 206 -26.87 25.28 -33.11
C LYS B 206 -27.03 26.82 -33.03
N VAL B 207 -25.93 27.60 -32.91
CA VAL B 207 -26.06 29.06 -32.82
C VAL B 207 -25.92 29.69 -34.21
N ARG B 208 -27.07 29.96 -34.87
CA ARG B 208 -27.15 30.55 -36.22
C ARG B 208 -26.41 31.89 -36.29
N GLY B 209 -25.40 31.98 -37.16
CA GLY B 209 -24.61 33.19 -37.35
C GLY B 209 -23.18 33.16 -36.86
N VAL B 210 -22.83 32.17 -36.01
CA VAL B 210 -21.47 32.05 -35.48
C VAL B 210 -20.52 31.59 -36.60
N ASP B 211 -19.42 32.34 -36.83
CA ASP B 211 -18.44 31.98 -37.85
C ASP B 211 -17.31 31.10 -37.32
N VAL B 212 -16.81 31.38 -36.09
CA VAL B 212 -15.69 30.66 -35.45
C VAL B 212 -15.97 30.52 -33.95
N VAL B 213 -15.57 29.40 -33.35
CA VAL B 213 -15.69 29.14 -31.91
C VAL B 213 -14.25 29.04 -31.32
N VAL B 214 -13.96 29.89 -30.32
CA VAL B 214 -12.68 29.91 -29.59
C VAL B 214 -13.02 29.53 -28.12
N GLY B 215 -12.58 28.35 -27.67
CA GLY B 215 -12.92 27.86 -26.34
C GLY B 215 -11.82 27.54 -25.35
N GLY B 216 -12.22 26.94 -24.23
CA GLY B 216 -11.33 26.54 -23.14
C GLY B 216 -11.98 25.51 -22.24
N HIS B 217 -11.64 25.53 -20.94
CA HIS B 217 -12.20 24.69 -19.85
C HIS B 217 -11.78 23.22 -19.88
N SER B 218 -11.74 22.57 -21.07
CA SER B 218 -11.37 21.16 -21.23
C SER B 218 -9.87 20.92 -21.50
N ASN B 219 -9.04 22.01 -21.55
CA ASN B 219 -7.60 21.97 -21.85
C ASN B 219 -7.34 21.15 -23.14
N THR B 220 -8.20 21.32 -24.16
CA THR B 220 -8.16 20.55 -25.40
C THR B 220 -6.97 20.97 -26.27
N PHE B 221 -6.18 19.98 -26.69
CA PHE B 221 -5.06 20.19 -27.59
C PHE B 221 -5.46 19.71 -28.98
N LEU B 222 -5.42 20.61 -29.95
CA LEU B 222 -5.75 20.29 -31.34
C LEU B 222 -4.50 20.56 -32.15
N TYR B 223 -4.20 19.69 -33.13
CA TYR B 223 -3.01 19.85 -33.98
C TYR B 223 -3.16 19.25 -35.37
N THR B 224 -2.60 19.96 -36.38
CA THR B 224 -2.54 19.50 -37.77
C THR B 224 -1.08 19.16 -38.09
N GLY B 225 -0.81 17.87 -38.25
CA GLY B 225 0.53 17.37 -38.54
C GLY B 225 1.18 16.74 -37.33
N ASN B 226 2.53 16.69 -37.31
CA ASN B 226 3.31 16.12 -36.22
C ASN B 226 3.41 17.07 -35.03
N PRO B 227 2.85 16.69 -33.84
CA PRO B 227 2.88 17.61 -32.68
C PRO B 227 4.29 17.90 -32.14
N PRO B 228 4.55 19.16 -31.67
CA PRO B 228 5.91 19.53 -31.25
C PRO B 228 6.34 19.14 -29.84
N SER B 229 5.39 18.76 -28.95
CA SER B 229 5.72 18.41 -27.56
C SER B 229 5.05 17.08 -27.10
N LYS B 230 4.76 16.93 -25.79
CA LYS B 230 4.18 15.71 -25.21
C LYS B 230 2.64 15.63 -25.29
N GLU B 231 1.96 16.76 -25.61
CA GLU B 231 0.51 16.76 -25.72
C GLU B 231 0.07 16.02 -26.98
N VAL B 232 -0.91 15.12 -26.81
CA VAL B 232 -1.49 14.26 -27.84
C VAL B 232 -2.76 14.97 -28.35
N PRO B 233 -2.92 15.19 -29.68
CA PRO B 233 -4.12 15.89 -30.15
C PRO B 233 -5.40 15.05 -30.12
N ALA B 234 -6.51 15.72 -29.75
CA ALA B 234 -7.87 15.16 -29.68
C ALA B 234 -8.53 15.20 -31.08
N GLY B 235 -7.93 15.97 -31.99
CA GLY B 235 -8.38 16.14 -33.37
C GLY B 235 -7.51 17.12 -34.12
N LYS B 236 -7.87 17.44 -35.37
CA LYS B 236 -7.12 18.40 -36.17
C LYS B 236 -7.37 19.84 -35.72
N TYR B 237 -6.42 20.75 -36.04
CA TYR B 237 -6.53 22.18 -35.75
C TYR B 237 -6.73 22.94 -37.09
N PRO B 238 -7.88 23.61 -37.31
CA PRO B 238 -9.07 23.65 -36.43
C PRO B 238 -9.93 22.41 -36.57
N PHE B 239 -10.89 22.23 -35.66
CA PHE B 239 -11.84 21.13 -35.73
C PHE B 239 -13.06 21.67 -36.48
N ILE B 240 -13.49 20.98 -37.55
CA ILE B 240 -14.62 21.44 -38.38
C ILE B 240 -15.96 20.80 -37.97
N VAL B 241 -16.95 21.67 -37.65
CA VAL B 241 -18.32 21.31 -37.29
C VAL B 241 -19.25 21.77 -38.42
N THR B 242 -20.14 20.87 -38.91
CA THR B 242 -21.12 21.26 -39.93
C THR B 242 -22.38 21.67 -39.18
N SER B 243 -22.73 22.99 -39.25
CA SER B 243 -23.89 23.54 -38.54
C SER B 243 -25.23 23.02 -39.07
N ASP B 244 -26.32 23.30 -38.33
CA ASP B 244 -27.69 22.92 -38.73
C ASP B 244 -28.18 23.70 -39.98
N ASP B 245 -27.44 24.78 -40.38
CA ASP B 245 -27.76 25.57 -41.57
C ASP B 245 -26.75 25.29 -42.72
N GLY B 246 -26.04 24.15 -42.58
CA GLY B 246 -25.07 23.64 -43.55
C GLY B 246 -23.83 24.47 -43.82
N ARG B 247 -23.25 25.07 -42.78
CA ARG B 247 -22.00 25.85 -42.90
C ARG B 247 -20.87 25.11 -42.16
N LYS B 248 -19.62 25.27 -42.62
CA LYS B 248 -18.47 24.67 -41.95
C LYS B 248 -17.96 25.69 -40.94
N VAL B 249 -18.03 25.33 -39.64
CA VAL B 249 -17.63 26.22 -38.54
C VAL B 249 -16.34 25.71 -37.85
N PRO B 250 -15.19 26.43 -37.99
CA PRO B 250 -13.97 26.00 -37.28
C PRO B 250 -14.06 26.25 -35.77
N VAL B 251 -13.61 25.25 -34.99
CA VAL B 251 -13.60 25.23 -33.52
C VAL B 251 -12.15 25.06 -33.07
N VAL B 252 -11.68 25.95 -32.17
CA VAL B 252 -10.29 25.95 -31.68
C VAL B 252 -10.18 26.06 -30.14
N GLN B 253 -9.06 25.54 -29.61
CA GLN B 253 -8.63 25.57 -28.22
C GLN B 253 -7.09 25.50 -28.25
N ALA B 254 -6.39 25.95 -27.18
CA ALA B 254 -4.93 25.95 -27.19
C ALA B 254 -4.30 25.36 -25.92
N TYR B 255 -4.75 24.14 -25.52
CA TYR B 255 -4.26 23.39 -24.36
C TYR B 255 -4.47 24.21 -23.05
N ALA B 256 -3.41 24.56 -22.29
CA ALA B 256 -3.52 25.27 -21.00
C ALA B 256 -2.13 25.74 -20.57
N PHE B 257 -2.08 26.53 -19.48
CA PHE B 257 -0.91 27.03 -18.75
C PHE B 257 0.06 27.95 -19.54
N GLY B 258 -0.42 28.58 -20.64
CA GLY B 258 0.38 29.46 -21.48
C GLY B 258 1.54 28.78 -22.20
N LYS B 259 1.51 27.43 -22.32
CA LYS B 259 2.55 26.63 -23.01
C LYS B 259 2.55 26.89 -24.53
N TYR B 260 1.35 27.10 -25.10
CA TYR B 260 1.14 27.37 -26.53
C TYR B 260 0.41 28.69 -26.77
N LEU B 261 0.59 29.26 -27.98
CA LEU B 261 -0.21 30.40 -28.41
C LEU B 261 -1.01 29.87 -29.60
N GLY B 262 -2.34 29.86 -29.48
CA GLY B 262 -3.22 29.47 -30.57
C GLY B 262 -3.13 30.47 -31.72
N TYR B 263 -3.16 29.96 -32.97
CA TYR B 263 -3.01 30.79 -34.18
C TYR B 263 -3.86 30.25 -35.34
N LEU B 264 -4.91 31.00 -35.72
CA LEU B 264 -5.83 30.65 -36.81
C LEU B 264 -6.02 31.81 -37.77
N LYS B 265 -5.79 31.55 -39.07
CA LYS B 265 -5.95 32.48 -40.19
C LYS B 265 -7.26 32.19 -40.91
N ILE B 266 -8.20 33.15 -40.91
CA ILE B 266 -9.50 32.99 -41.56
C ILE B 266 -9.65 33.87 -42.80
N GLU B 267 -10.10 33.28 -43.92
CA GLU B 267 -10.39 33.97 -45.19
C GLU B 267 -11.90 34.17 -45.27
N PHE B 268 -12.36 35.41 -45.12
CA PHE B 268 -13.78 35.75 -45.21
C PHE B 268 -14.08 36.38 -46.58
N ASP B 269 -15.33 36.21 -47.10
CA ASP B 269 -15.74 36.91 -48.32
C ASP B 269 -16.27 38.29 -47.86
N GLU B 270 -16.79 39.10 -48.80
CA GLU B 270 -17.33 40.44 -48.52
C GLU B 270 -18.54 40.42 -47.58
N ARG B 271 -19.30 39.31 -47.56
CA ARG B 271 -20.50 39.15 -46.73
C ARG B 271 -20.24 38.43 -45.38
N GLY B 272 -18.97 38.26 -45.03
CA GLY B 272 -18.54 37.67 -43.78
C GLY B 272 -18.66 36.15 -43.66
N ASN B 273 -18.73 35.45 -44.80
CA ASN B 273 -18.79 33.98 -44.79
C ASN B 273 -17.38 33.42 -44.88
N VAL B 274 -17.08 32.43 -44.02
CA VAL B 274 -15.78 31.76 -43.96
C VAL B 274 -15.59 30.94 -45.25
N ILE B 275 -14.56 31.28 -46.03
CA ILE B 275 -14.20 30.59 -47.26
C ILE B 275 -13.26 29.44 -46.92
N SER B 276 -12.22 29.73 -46.10
CA SER B 276 -11.21 28.78 -45.64
C SER B 276 -10.55 29.24 -44.33
N SER B 277 -9.89 28.31 -43.63
CA SER B 277 -9.14 28.58 -42.41
C SER B 277 -7.96 27.61 -42.26
N HIS B 278 -6.85 28.06 -41.62
CA HIS B 278 -5.67 27.24 -41.34
C HIS B 278 -4.81 27.83 -40.20
N GLY B 279 -4.00 26.97 -39.59
CA GLY B 279 -3.09 27.37 -38.52
C GLY B 279 -2.71 26.21 -37.64
N ASN B 280 -2.19 26.52 -36.44
CA ASN B 280 -1.78 25.56 -35.40
C ASN B 280 -1.38 26.29 -34.12
N PRO B 281 -1.49 25.64 -32.93
CA PRO B 281 -0.93 26.28 -31.72
C PRO B 281 0.61 26.38 -31.87
N ILE B 282 1.22 27.45 -31.35
CA ILE B 282 2.67 27.67 -31.44
C ILE B 282 3.29 27.37 -30.08
N LEU B 283 4.26 26.42 -30.03
CA LEU B 283 4.93 26.05 -28.79
C LEU B 283 5.87 27.19 -28.36
N LEU B 284 5.64 27.72 -27.16
CA LEU B 284 6.39 28.82 -26.59
C LEU B 284 7.55 28.26 -25.78
N ASP B 285 8.56 27.72 -26.49
CA ASP B 285 9.75 27.13 -25.89
C ASP B 285 10.89 28.15 -25.84
N SER B 286 12.04 27.73 -25.27
CA SER B 286 13.27 28.50 -25.06
C SER B 286 13.88 29.17 -26.31
N SER B 287 13.49 28.74 -27.54
CA SER B 287 13.99 29.35 -28.78
C SER B 287 13.37 30.76 -29.00
N ILE B 288 12.25 31.06 -28.31
CA ILE B 288 11.61 32.39 -28.35
C ILE B 288 12.14 33.16 -27.13
N PRO B 289 12.82 34.31 -27.29
CA PRO B 289 13.30 35.03 -26.11
C PRO B 289 12.20 35.68 -25.28
N GLU B 290 12.36 35.69 -23.94
CA GLU B 290 11.41 36.39 -23.06
C GLU B 290 11.60 37.89 -23.36
N ASP B 291 10.51 38.67 -23.44
CA ASP B 291 10.66 40.11 -23.71
C ASP B 291 11.41 40.76 -22.52
N PRO B 292 12.47 41.57 -22.78
CA PRO B 292 13.24 42.17 -21.65
C PRO B 292 12.45 43.08 -20.72
N SER B 293 11.60 43.96 -21.29
CA SER B 293 10.77 44.91 -20.54
C SER B 293 9.75 44.21 -19.67
N ILE B 294 9.03 43.19 -20.22
CA ILE B 294 8.04 42.40 -19.47
C ILE B 294 8.73 41.62 -18.33
N LYS B 295 9.88 40.94 -18.62
CA LYS B 295 10.67 40.15 -17.66
C LYS B 295 11.10 40.99 -16.45
N ALA B 296 11.63 42.22 -16.70
CA ALA B 296 12.05 43.17 -15.67
C ALA B 296 10.86 43.51 -14.74
N ASP B 297 9.66 43.68 -15.33
CA ASP B 297 8.41 43.95 -14.62
C ASP B 297 7.96 42.72 -13.81
N ILE B 298 8.11 41.51 -14.39
CA ILE B 298 7.79 40.23 -13.73
C ILE B 298 8.68 40.05 -12.49
N ASN B 299 9.97 40.44 -12.60
CA ASN B 299 10.98 40.38 -11.53
C ASN B 299 10.64 41.30 -10.37
N LYS B 300 10.17 42.53 -10.67
CA LYS B 300 9.75 43.55 -9.70
C LYS B 300 8.59 43.01 -8.83
N TRP B 301 7.59 42.37 -9.47
CA TRP B 301 6.44 41.75 -8.79
C TRP B 301 6.86 40.45 -8.05
N ARG B 302 7.91 39.76 -8.52
CA ARG B 302 8.41 38.51 -7.94
C ARG B 302 9.01 38.68 -6.53
N ILE B 303 9.46 39.91 -6.19
CA ILE B 303 10.10 40.25 -4.90
C ILE B 303 9.17 39.91 -3.70
N LYS B 304 7.86 40.23 -3.79
CA LYS B 304 6.88 39.96 -2.74
C LYS B 304 6.63 38.45 -2.54
N LEU B 305 6.81 37.65 -3.59
CA LEU B 305 6.62 36.19 -3.51
C LEU B 305 7.90 35.54 -3.00
N ASP B 306 9.05 36.24 -3.15
CA ASP B 306 10.38 35.79 -2.71
C ASP B 306 10.53 35.77 -1.19
N ASP B 307 9.62 36.43 -0.44
CA ASP B 307 9.66 36.43 1.03
C ASP B 307 8.99 35.18 1.62
N TYR B 308 8.32 34.35 0.77
CA TYR B 308 7.71 33.07 1.15
C TYR B 308 8.86 32.14 1.57
N SER B 309 8.69 31.40 2.69
CA SER B 309 9.72 30.49 3.20
C SER B 309 10.11 29.42 2.17
N THR B 310 11.40 29.39 1.80
CA THR B 310 11.97 28.45 0.83
C THR B 310 12.50 27.18 1.53
N GLN B 311 12.11 26.99 2.81
CA GLN B 311 12.48 25.85 3.65
C GLN B 311 11.96 24.54 3.05
N GLU B 312 12.78 23.48 3.11
CA GLU B 312 12.44 22.16 2.59
C GLU B 312 11.47 21.47 3.56
N LEU B 313 10.25 21.14 3.08
CA LEU B 313 9.27 20.44 3.92
C LEU B 313 9.68 18.97 4.05
N GLY B 314 10.17 18.41 2.95
CA GLY B 314 10.65 17.03 2.84
C GLY B 314 11.15 16.72 1.44
N LYS B 315 11.40 15.44 1.16
CA LYS B 315 11.88 15.03 -0.15
C LYS B 315 11.04 13.96 -0.82
N THR B 316 10.97 14.01 -2.17
CA THR B 316 10.35 12.98 -3.00
C THR B 316 11.43 12.33 -3.86
N ILE B 317 11.41 11.00 -3.97
CA ILE B 317 12.38 10.27 -4.80
C ILE B 317 11.69 9.81 -6.10
N VAL B 318 10.40 10.15 -6.23
CA VAL B 318 9.57 9.82 -7.39
C VAL B 318 8.93 11.08 -7.97
N TYR B 319 8.59 11.05 -9.26
CA TYR B 319 7.84 12.14 -9.89
C TYR B 319 6.42 12.11 -9.28
N LEU B 320 5.94 13.27 -8.79
CA LEU B 320 4.59 13.37 -8.21
C LEU B 320 3.63 13.82 -9.29
N ASP B 321 3.04 12.85 -10.01
CA ASP B 321 2.13 13.09 -11.13
C ASP B 321 0.75 13.61 -10.70
N GLY B 322 0.62 14.93 -10.72
CA GLY B 322 -0.61 15.66 -10.43
C GLY B 322 -1.13 16.34 -11.68
N SER B 323 -0.75 15.84 -12.87
CA SER B 323 -1.20 16.40 -14.16
C SER B 323 -2.66 16.02 -14.36
N SER B 324 -3.46 16.86 -15.07
CA SER B 324 -4.90 16.58 -15.27
C SER B 324 -5.11 15.42 -16.27
N GLN B 325 -4.16 15.23 -17.20
CA GLN B 325 -4.14 14.13 -18.18
C GLN B 325 -4.12 12.77 -17.49
N SER B 326 -3.53 12.73 -16.29
CA SER B 326 -3.50 11.50 -15.50
C SER B 326 -4.67 11.46 -14.51
N CYS B 327 -4.67 12.38 -13.52
CA CYS B 327 -5.60 12.41 -12.38
C CYS B 327 -7.10 12.57 -12.72
N ARG B 328 -7.43 12.99 -13.96
CA ARG B 328 -8.83 13.10 -14.40
C ARG B 328 -9.26 11.89 -15.25
N PHE B 329 -8.32 10.98 -15.55
CA PHE B 329 -8.50 9.81 -16.41
C PHE B 329 -8.16 8.46 -15.77
N ARG B 330 -7.28 8.45 -14.76
CA ARG B 330 -6.82 7.22 -14.13
C ARG B 330 -6.17 7.46 -12.76
N GLU B 331 -5.74 6.36 -12.10
CA GLU B 331 -5.04 6.38 -10.81
C GLU B 331 -3.73 7.14 -11.00
N CYS B 332 -3.48 8.15 -10.17
CA CYS B 332 -2.24 8.92 -10.25
C CYS B 332 -1.63 8.94 -8.86
N ASN B 333 -0.29 8.82 -8.77
CA ASN B 333 0.39 8.72 -7.46
C ASN B 333 0.25 10.00 -6.60
N MET B 334 -0.04 11.18 -7.20
CA MET B 334 -0.29 12.39 -6.42
C MET B 334 -1.62 12.22 -5.65
N GLY B 335 -2.63 11.66 -6.32
CA GLY B 335 -3.94 11.38 -5.72
C GLY B 335 -3.83 10.39 -4.57
N ASN B 336 -3.01 9.35 -4.75
CA ASN B 336 -2.74 8.34 -3.70
C ASN B 336 -2.03 8.94 -2.51
N LEU B 337 -1.06 9.86 -2.74
CA LEU B 337 -0.31 10.56 -1.70
C LEU B 337 -1.22 11.40 -0.80
N ILE B 338 -2.11 12.20 -1.43
CA ILE B 338 -3.03 13.08 -0.72
C ILE B 338 -4.07 12.25 0.07
N CYS B 339 -4.65 11.20 -0.56
CA CYS B 339 -5.60 10.33 0.14
C CYS B 339 -4.93 9.59 1.31
N ASP B 340 -3.64 9.16 1.17
CA ASP B 340 -2.92 8.50 2.28
C ASP B 340 -2.55 9.50 3.39
N ALA B 341 -2.26 10.77 3.01
CA ALA B 341 -1.96 11.87 3.95
C ALA B 341 -3.22 12.21 4.77
N MET B 342 -4.40 12.19 4.10
CA MET B 342 -5.73 12.46 4.68
C MET B 342 -6.05 11.43 5.75
N ILE B 343 -5.88 10.12 5.41
CA ILE B 343 -6.12 9.00 6.34
C ILE B 343 -5.13 9.05 7.52
N ASN B 344 -3.83 9.28 7.24
CA ASN B 344 -2.79 9.30 8.28
C ASN B 344 -2.95 10.43 9.30
N ASN B 345 -3.21 11.67 8.84
CA ASN B 345 -3.39 12.84 9.71
C ASN B 345 -4.53 12.64 10.69
N ASN B 346 -5.66 12.10 10.21
CA ASN B 346 -6.85 11.84 11.00
C ASN B 346 -6.65 10.73 12.04
N LEU B 347 -5.80 9.72 11.72
CA LEU B 347 -5.50 8.63 12.68
C LEU B 347 -4.50 9.05 13.78
N ARG B 348 -4.05 10.32 13.73
CA ARG B 348 -3.11 10.93 14.67
C ARG B 348 -3.87 11.83 15.65
N VAL B 358 -10.87 5.37 10.71
CA VAL B 358 -11.23 5.66 9.31
C VAL B 358 -10.13 5.22 8.32
N SER B 359 -10.48 4.25 7.45
CA SER B 359 -9.56 3.67 6.45
C SER B 359 -9.86 4.07 4.99
N MET B 360 -11.01 4.72 4.72
CA MET B 360 -11.43 5.10 3.37
C MET B 360 -11.37 6.61 3.04
N CYS B 361 -10.98 6.92 1.78
CA CYS B 361 -10.77 8.26 1.21
C CYS B 361 -11.24 8.35 -0.23
N ILE B 362 -11.88 9.49 -0.60
CA ILE B 362 -12.23 9.87 -1.98
C ILE B 362 -11.74 11.31 -2.22
N LEU B 363 -11.21 11.61 -3.43
CA LEU B 363 -10.67 12.93 -3.78
C LEU B 363 -10.80 13.18 -5.28
N ASN B 364 -11.58 14.21 -5.65
CA ASN B 364 -11.81 14.60 -7.05
C ASN B 364 -10.53 15.09 -7.73
N GLY B 365 -10.31 14.61 -8.96
CA GLY B 365 -9.18 15.02 -9.80
C GLY B 365 -9.16 16.52 -10.07
N GLY B 366 -10.34 17.13 -10.08
CA GLY B 366 -10.51 18.58 -10.24
C GLY B 366 -9.86 19.41 -9.16
N GLY B 367 -9.61 18.78 -8.01
CA GLY B 367 -8.94 19.37 -6.87
C GLY B 367 -7.42 19.25 -6.89
N ILE B 368 -6.85 18.42 -7.80
CA ILE B 368 -5.39 18.23 -7.92
C ILE B 368 -4.93 19.12 -9.09
N ARG B 369 -4.22 20.22 -8.78
CA ARG B 369 -3.95 21.27 -9.77
C ARG B 369 -2.54 21.34 -10.39
N SER B 370 -1.58 20.56 -9.88
CA SER B 370 -0.22 20.61 -10.44
C SER B 370 0.61 19.40 -10.08
N PRO B 371 1.54 18.94 -10.96
CA PRO B 371 2.47 17.87 -10.54
C PRO B 371 3.64 18.48 -9.77
N ILE B 372 4.52 17.64 -9.16
CA ILE B 372 5.74 18.12 -8.50
C ILE B 372 6.91 17.29 -9.02
N ASP B 373 7.95 17.97 -9.54
CA ASP B 373 9.15 17.36 -10.07
C ASP B 373 10.14 16.95 -8.96
N GLU B 374 10.81 15.78 -9.13
CA GLU B 374 11.76 15.17 -8.17
C GLU B 374 13.27 15.43 -8.45
N ARG B 375 13.61 16.01 -9.62
CA ARG B 375 15.00 16.22 -10.06
C ARG B 375 15.80 17.28 -9.26
N ASN B 376 15.14 18.22 -8.54
CA ASN B 376 15.85 19.25 -7.77
C ASN B 376 16.27 18.74 -6.37
N ASP B 377 17.02 17.62 -6.35
CA ASP B 377 17.47 16.89 -5.15
C ASP B 377 16.25 16.47 -4.26
N GLY B 378 15.11 16.27 -4.92
CA GLY B 378 13.85 15.85 -4.33
C GLY B 378 13.08 16.84 -3.49
N THR B 379 13.61 18.08 -3.33
CA THR B 379 13.07 19.18 -2.52
C THR B 379 11.60 19.54 -2.84
N ILE B 380 10.77 19.61 -1.78
CA ILE B 380 9.37 20.04 -1.84
C ILE B 380 9.26 21.25 -0.93
N THR B 381 8.84 22.40 -1.49
CA THR B 381 8.67 23.66 -0.77
C THR B 381 7.17 23.98 -0.71
N TRP B 382 6.81 25.02 0.07
CA TRP B 382 5.42 25.49 0.17
C TRP B 382 4.88 25.94 -1.19
N GLU B 383 5.72 26.61 -2.01
CA GLU B 383 5.38 27.10 -3.35
C GLU B 383 4.93 25.95 -4.27
N ASN B 384 5.65 24.80 -4.24
CA ASN B 384 5.32 23.59 -5.02
C ASN B 384 3.95 23.06 -4.62
N LEU B 385 3.68 23.01 -3.30
CA LEU B 385 2.43 22.51 -2.72
C LEU B 385 1.23 23.40 -2.98
N ALA B 386 1.42 24.73 -2.89
CA ALA B 386 0.37 25.72 -3.13
C ALA B 386 -0.21 25.62 -4.54
N ALA B 387 0.62 25.19 -5.53
CA ALA B 387 0.18 25.00 -6.91
C ALA B 387 -0.65 23.72 -7.06
N VAL B 388 -0.46 22.72 -6.18
CA VAL B 388 -1.20 21.45 -6.12
C VAL B 388 -2.57 21.64 -5.44
N LEU B 389 -2.57 22.28 -4.25
CA LEU B 389 -3.76 22.53 -3.42
C LEU B 389 -3.94 24.04 -3.12
N PRO B 390 -4.53 24.82 -4.05
CA PRO B 390 -4.63 26.27 -3.84
C PRO B 390 -5.89 26.85 -3.21
N PHE B 391 -6.97 26.05 -3.06
CA PHE B 391 -8.30 26.53 -2.65
C PHE B 391 -8.55 26.82 -1.17
N GLY B 392 -7.64 26.42 -0.29
CA GLY B 392 -7.78 26.66 1.15
C GLY B 392 -8.99 26.01 1.79
N GLY B 393 -9.31 24.80 1.33
CA GLY B 393 -10.44 24.02 1.84
C GLY B 393 -10.02 23.11 2.98
N THR B 394 -10.91 22.22 3.42
CA THR B 394 -10.59 21.29 4.50
C THR B 394 -10.87 19.85 4.10
N PHE B 395 -10.28 18.88 4.84
CA PHE B 395 -10.50 17.45 4.65
C PHE B 395 -11.39 16.99 5.81
N ASP B 396 -12.68 16.75 5.52
CA ASP B 396 -13.72 16.44 6.52
C ASP B 396 -14.15 14.98 6.61
N LEU B 397 -14.74 14.62 7.78
CA LEU B 397 -15.25 13.28 8.11
CA LEU B 397 -15.24 13.28 8.02
C LEU B 397 -16.73 13.19 7.72
N VAL B 398 -17.11 12.17 6.96
CA VAL B 398 -18.50 11.94 6.54
C VAL B 398 -18.91 10.46 6.75
N GLN B 399 -20.20 10.24 7.05
CA GLN B 399 -20.82 8.93 7.20
C GLN B 399 -21.75 8.75 5.99
N LEU B 400 -21.46 7.72 5.16
CA LEU B 400 -22.19 7.45 3.93
C LEU B 400 -22.72 6.03 3.84
N LYS B 401 -23.90 5.85 3.22
CA LYS B 401 -24.48 4.55 2.95
C LYS B 401 -23.72 3.96 1.74
N GLY B 402 -23.69 2.63 1.64
CA GLY B 402 -23.08 1.92 0.52
C GLY B 402 -23.67 2.36 -0.80
N SER B 403 -25.01 2.59 -0.84
CA SER B 403 -25.76 3.05 -2.02
C SER B 403 -25.32 4.45 -2.48
N THR B 404 -25.07 5.38 -1.52
CA THR B 404 -24.58 6.74 -1.82
C THR B 404 -23.18 6.64 -2.44
N LEU B 405 -22.32 5.77 -1.87
CA LEU B 405 -20.95 5.58 -2.35
C LEU B 405 -20.91 5.01 -3.76
N LYS B 406 -21.79 4.03 -4.05
CA LYS B 406 -21.92 3.45 -5.39
C LYS B 406 -22.37 4.57 -6.40
N LYS B 407 -23.32 5.46 -5.98
CA LYS B 407 -23.78 6.59 -6.80
C LYS B 407 -22.66 7.60 -7.11
N ALA B 408 -21.78 7.89 -6.13
CA ALA B 408 -20.65 8.81 -6.30
C ALA B 408 -19.63 8.25 -7.30
N PHE B 409 -19.37 6.92 -7.25
CA PHE B 409 -18.45 6.27 -8.20
C PHE B 409 -19.03 6.20 -9.63
N GLU B 410 -20.37 6.16 -9.76
CA GLU B 410 -21.01 6.15 -11.08
C GLU B 410 -20.92 7.53 -11.70
N HIS B 411 -21.09 8.58 -10.86
CA HIS B 411 -20.98 10.01 -11.23
C HIS B 411 -19.55 10.34 -11.63
N SER B 412 -18.59 9.69 -10.96
CA SER B 412 -17.14 9.81 -11.20
C SER B 412 -16.77 9.55 -12.68
N VAL B 413 -17.54 8.66 -13.36
CA VAL B 413 -17.30 8.24 -14.75
C VAL B 413 -18.52 8.42 -15.70
N HIS B 414 -19.63 9.03 -15.22
CA HIS B 414 -20.87 9.22 -15.99
C HIS B 414 -20.66 9.87 -17.40
N ARG B 415 -19.62 10.71 -17.57
CA ARG B 415 -19.30 11.36 -18.86
C ARG B 415 -17.78 11.28 -19.17
N TYR B 416 -17.15 10.12 -18.84
CA TYR B 416 -15.72 9.88 -19.03
C TYR B 416 -15.22 10.22 -20.45
N GLY B 417 -14.06 10.84 -20.53
CA GLY B 417 -13.39 11.20 -21.77
C GLY B 417 -13.36 12.68 -22.11
N GLN B 418 -13.98 13.52 -21.26
CA GLN B 418 -14.07 14.97 -21.50
C GLN B 418 -13.13 15.81 -20.63
N SER B 419 -12.28 15.15 -19.82
CA SER B 419 -11.32 15.80 -18.93
C SER B 419 -12.02 16.67 -17.85
N THR B 420 -13.18 16.16 -17.32
CA THR B 420 -13.96 16.83 -16.27
C THR B 420 -13.41 16.47 -14.87
N GLY B 421 -13.66 17.35 -13.90
CA GLY B 421 -13.13 17.22 -12.54
C GLY B 421 -13.63 16.14 -11.60
N GLU B 422 -14.85 15.57 -11.83
CA GLU B 422 -15.47 14.59 -10.93
C GLU B 422 -14.76 13.20 -10.81
N PHE B 423 -13.80 12.83 -11.71
CA PHE B 423 -13.10 11.53 -11.59
C PHE B 423 -12.43 11.41 -10.20
N LEU B 424 -12.69 10.32 -9.47
CA LEU B 424 -12.17 10.18 -8.11
C LEU B 424 -10.88 9.41 -7.95
N GLN B 425 -9.91 10.01 -7.22
CA GLN B 425 -8.70 9.35 -6.73
C GLN B 425 -9.13 8.74 -5.37
N VAL B 426 -8.57 7.56 -4.98
CA VAL B 426 -9.04 6.85 -3.78
C VAL B 426 -7.95 6.38 -2.76
N GLY B 427 -8.42 6.08 -1.56
CA GLY B 427 -7.66 5.51 -0.45
C GLY B 427 -8.51 4.49 0.30
N GLY B 428 -7.95 3.29 0.51
CA GLY B 428 -8.62 2.18 1.19
C GLY B 428 -9.81 1.62 0.43
N ILE B 429 -9.85 1.84 -0.90
CA ILE B 429 -10.90 1.40 -1.84
C ILE B 429 -10.26 0.84 -3.13
N HIS B 430 -10.81 -0.27 -3.66
CA HIS B 430 -10.38 -0.87 -4.92
C HIS B 430 -11.60 -0.89 -5.86
N VAL B 431 -11.60 -0.02 -6.91
CA VAL B 431 -12.69 0.13 -7.87
C VAL B 431 -12.30 -0.38 -9.27
N VAL B 432 -13.26 -1.05 -9.96
CA VAL B 432 -13.12 -1.52 -11.34
C VAL B 432 -14.27 -0.95 -12.19
N TYR B 433 -13.92 -0.30 -13.30
CA TYR B 433 -14.87 0.32 -14.22
C TYR B 433 -14.91 -0.38 -15.58
N ASP B 434 -16.13 -0.50 -16.17
CA ASP B 434 -16.32 -1.01 -17.53
C ASP B 434 -17.02 0.09 -18.33
N LEU B 435 -16.22 0.85 -19.09
CA LEU B 435 -16.65 2.01 -19.87
C LEU B 435 -17.52 1.67 -21.10
N SER B 436 -17.61 0.38 -21.48
CA SER B 436 -18.45 -0.09 -22.58
C SER B 436 -19.93 -0.07 -22.17
N ARG B 437 -20.20 -0.16 -20.86
CA ARG B 437 -21.53 -0.14 -20.27
C ARG B 437 -22.10 1.29 -20.25
N LYS B 438 -23.44 1.41 -20.20
CA LYS B 438 -24.20 2.67 -20.18
C LYS B 438 -23.87 3.51 -18.93
N PRO B 439 -23.89 4.87 -19.00
CA PRO B 439 -23.62 5.68 -17.79
C PRO B 439 -24.62 5.42 -16.66
N GLY B 440 -24.09 5.27 -15.45
CA GLY B 440 -24.88 4.96 -14.26
C GLY B 440 -24.86 3.49 -13.93
N ASP B 441 -24.20 2.68 -14.78
CA ASP B 441 -24.07 1.23 -14.63
C ASP B 441 -22.66 0.74 -15.07
N ARG B 442 -21.63 1.59 -14.87
CA ARG B 442 -20.23 1.34 -15.24
C ARG B 442 -19.35 0.70 -14.14
N VAL B 443 -19.77 0.79 -12.86
CA VAL B 443 -19.00 0.21 -11.75
C VAL B 443 -19.26 -1.31 -11.74
N VAL B 444 -18.24 -2.11 -12.14
CA VAL B 444 -18.36 -3.58 -12.19
C VAL B 444 -17.85 -4.26 -10.91
N LYS B 445 -16.97 -3.59 -10.16
CA LYS B 445 -16.42 -4.11 -8.90
C LYS B 445 -16.09 -2.97 -7.95
N LEU B 446 -16.49 -3.12 -6.67
CA LEU B 446 -16.23 -2.13 -5.63
C LEU B 446 -15.93 -2.84 -4.31
N ASP B 447 -14.62 -2.92 -3.95
CA ASP B 447 -14.17 -3.55 -2.71
C ASP B 447 -13.61 -2.50 -1.77
N VAL B 448 -13.97 -2.58 -0.49
CA VAL B 448 -13.55 -1.61 0.53
C VAL B 448 -12.91 -2.30 1.74
N LEU B 449 -12.10 -1.54 2.49
CA LEU B 449 -11.40 -1.98 3.69
C LEU B 449 -12.37 -2.08 4.88
N CYS B 450 -12.43 -3.26 5.52
CA CYS B 450 -13.34 -3.45 6.65
C CYS B 450 -12.93 -2.61 7.87
N THR B 451 -13.90 -2.26 8.72
CA THR B 451 -13.70 -1.51 9.95
C THR B 451 -14.01 -2.38 11.16
N LYS B 452 -15.08 -3.22 11.07
CA LYS B 452 -15.52 -4.14 12.12
C LYS B 452 -14.73 -5.45 12.02
N CYS B 453 -13.41 -5.32 11.99
CA CYS B 453 -12.45 -6.42 11.87
C CYS B 453 -11.19 -6.04 12.62
N ARG B 454 -10.52 -7.04 13.18
CA ARG B 454 -9.26 -6.87 13.90
C ARG B 454 -8.12 -6.70 12.91
N VAL B 455 -8.19 -7.42 11.76
CA VAL B 455 -7.22 -7.33 10.66
C VAL B 455 -7.94 -6.72 9.44
N PRO B 456 -7.51 -5.53 8.96
CA PRO B 456 -8.12 -4.94 7.76
C PRO B 456 -7.83 -5.73 6.48
N SER B 457 -8.89 -5.93 5.67
CA SER B 457 -8.89 -6.63 4.39
C SER B 457 -10.03 -6.08 3.52
N TYR B 458 -9.87 -6.17 2.20
CA TYR B 458 -10.81 -5.71 1.19
C TYR B 458 -11.96 -6.67 1.00
N ASP B 459 -13.19 -6.15 1.18
CA ASP B 459 -14.43 -6.92 1.08
C ASP B 459 -15.41 -6.21 0.12
N PRO B 460 -16.29 -6.94 -0.60
CA PRO B 460 -17.23 -6.27 -1.51
C PRO B 460 -18.14 -5.28 -0.80
N LEU B 461 -18.38 -4.11 -1.42
CA LEU B 461 -19.23 -3.08 -0.84
C LEU B 461 -20.68 -3.57 -0.74
N LYS B 462 -21.35 -3.26 0.38
CA LYS B 462 -22.75 -3.61 0.60
C LYS B 462 -23.57 -2.32 0.53
N MET B 463 -24.63 -2.32 -0.30
CA MET B 463 -25.53 -1.18 -0.51
C MET B 463 -26.27 -0.74 0.76
N ASP B 464 -26.63 -1.70 1.62
CA ASP B 464 -27.37 -1.49 2.88
C ASP B 464 -26.44 -1.17 4.09
N GLU B 465 -25.11 -1.23 3.90
CA GLU B 465 -24.10 -0.94 4.93
C GLU B 465 -23.77 0.56 5.03
N VAL B 466 -23.16 0.99 6.16
CA VAL B 466 -22.75 2.38 6.40
C VAL B 466 -21.22 2.46 6.54
N TYR B 467 -20.58 3.42 5.83
CA TYR B 467 -19.12 3.63 5.81
C TYR B 467 -18.70 5.03 6.22
N LYS B 468 -17.50 5.13 6.84
CA LYS B 468 -16.88 6.39 7.27
C LYS B 468 -15.76 6.72 6.28
N VAL B 469 -15.92 7.84 5.57
CA VAL B 469 -15.02 8.32 4.51
C VAL B 469 -14.44 9.71 4.85
N ILE B 470 -13.16 9.92 4.50
CA ILE B 470 -12.48 11.23 4.59
C ILE B 470 -12.46 11.80 3.14
N LEU B 471 -12.99 13.02 2.96
CA LEU B 471 -13.10 13.65 1.65
C LEU B 471 -13.01 15.19 1.75
N PRO B 472 -12.77 15.94 0.66
CA PRO B 472 -12.78 17.41 0.80
C PRO B 472 -14.18 17.95 1.11
N ASN B 473 -14.24 19.01 1.92
CA ASN B 473 -15.48 19.70 2.30
C ASN B 473 -16.21 20.15 1.02
N PHE B 474 -15.47 20.34 -0.09
CA PHE B 474 -15.98 20.70 -1.41
C PHE B 474 -16.95 19.62 -1.93
N LEU B 475 -16.62 18.33 -1.75
CA LEU B 475 -17.45 17.20 -2.17
C LEU B 475 -18.66 16.99 -1.26
N ALA B 476 -18.51 17.20 0.07
CA ALA B 476 -19.61 17.09 1.05
C ALA B 476 -20.67 18.20 0.80
N ASN B 477 -20.26 19.30 0.15
CA ASN B 477 -21.12 20.44 -0.21
C ASN B 477 -21.65 20.37 -1.65
N GLY B 478 -21.46 19.22 -2.30
CA GLY B 478 -21.97 18.94 -3.64
C GLY B 478 -21.15 19.46 -4.80
N GLY B 479 -19.89 19.83 -4.56
CA GLY B 479 -18.97 20.30 -5.60
C GLY B 479 -18.74 19.22 -6.63
N ASP B 480 -18.52 19.62 -7.91
CA ASP B 480 -18.30 18.72 -9.06
C ASP B 480 -19.57 17.90 -9.41
N GLY B 481 -20.73 18.38 -8.94
CA GLY B 481 -22.02 17.75 -9.19
C GLY B 481 -22.33 16.58 -8.28
N PHE B 482 -21.56 16.41 -7.19
CA PHE B 482 -21.77 15.30 -6.20
C PHE B 482 -22.95 15.58 -5.24
N GLN B 483 -24.14 15.82 -5.82
CA GLN B 483 -25.40 16.11 -5.13
C GLN B 483 -25.85 14.99 -4.19
N MET B 484 -25.60 13.70 -4.56
CA MET B 484 -25.95 12.54 -3.74
C MET B 484 -25.22 12.56 -2.38
N ILE B 485 -23.94 13.06 -2.34
CA ILE B 485 -23.18 13.14 -1.08
C ILE B 485 -23.87 14.16 -0.14
N LYS B 486 -23.99 15.42 -0.58
CA LYS B 486 -24.61 16.52 0.15
C LYS B 486 -26.02 16.19 0.65
N ASP B 487 -26.85 15.54 -0.19
CA ASP B 487 -28.23 15.21 0.16
C ASP B 487 -28.42 13.93 0.98
N GLU B 488 -27.52 12.92 0.86
CA GLU B 488 -27.70 11.64 1.54
C GLU B 488 -26.76 11.36 2.75
N LEU B 489 -25.69 12.15 2.98
CA LEU B 489 -24.76 11.91 4.11
C LEU B 489 -25.48 11.85 5.47
N LEU B 490 -25.04 10.96 6.36
CA LEU B 490 -25.64 10.78 7.69
C LEU B 490 -24.95 11.57 8.79
N ARG B 491 -23.71 12.04 8.54
CA ARG B 491 -22.91 12.82 9.49
C ARG B 491 -21.85 13.61 8.73
N HIS B 492 -21.52 14.81 9.20
CA HIS B 492 -20.49 15.66 8.58
C HIS B 492 -19.77 16.50 9.64
N ASP B 493 -18.48 16.16 9.88
CA ASP B 493 -17.62 16.82 10.85
C ASP B 493 -16.48 17.56 10.13
N SER B 494 -16.26 18.83 10.50
CA SER B 494 -15.21 19.67 9.91
C SER B 494 -13.81 19.17 10.28
N GLY B 495 -12.92 19.13 9.29
CA GLY B 495 -11.57 18.65 9.51
C GLY B 495 -10.50 19.71 9.42
N ASP B 496 -9.25 19.26 9.17
CA ASP B 496 -8.06 20.11 9.07
C ASP B 496 -7.86 20.68 7.67
N GLN B 497 -7.11 21.82 7.59
CA GLN B 497 -6.79 22.55 6.36
C GLN B 497 -6.01 21.65 5.41
N ASP B 498 -6.46 21.60 4.14
CA ASP B 498 -5.94 20.73 3.08
C ASP B 498 -4.40 20.69 2.93
N ILE B 499 -3.78 21.84 2.59
CA ILE B 499 -2.34 22.03 2.38
C ILE B 499 -1.53 21.72 3.65
N ASN B 500 -2.06 22.06 4.84
CA ASN B 500 -1.40 21.81 6.12
C ASN B 500 -1.32 20.31 6.41
N VAL B 501 -2.40 19.54 6.08
CA VAL B 501 -2.45 18.08 6.23
C VAL B 501 -1.35 17.43 5.35
N VAL B 502 -1.19 17.88 4.09
CA VAL B 502 -0.20 17.31 3.16
C VAL B 502 1.23 17.72 3.56
N SER B 503 1.47 19.00 3.97
CA SER B 503 2.83 19.43 4.39
C SER B 503 3.30 18.72 5.67
N THR B 504 2.36 18.46 6.62
CA THR B 504 2.62 17.77 7.89
C THR B 504 3.03 16.32 7.62
N TYR B 505 2.34 15.66 6.67
CA TYR B 505 2.61 14.26 6.31
C TYR B 505 4.01 14.10 5.68
N ILE B 506 4.34 14.97 4.71
CA ILE B 506 5.64 15.00 4.02
C ILE B 506 6.82 15.26 5.00
N SER B 507 6.59 16.11 6.03
CA SER B 507 7.60 16.42 7.05
C SER B 507 7.86 15.23 7.99
N LYS B 508 6.78 14.51 8.37
CA LYS B 508 6.87 13.33 9.24
C LYS B 508 7.55 12.17 8.50
N MET B 509 7.15 11.92 7.25
CA MET B 509 7.69 10.83 6.44
C MET B 509 9.15 11.07 6.02
N LYS B 510 9.53 12.37 5.82
CA LYS B 510 10.86 12.90 5.42
C LYS B 510 11.17 12.62 3.95
N VAL B 511 11.04 11.35 3.53
CA VAL B 511 11.25 10.88 2.16
C VAL B 511 9.95 10.17 1.74
N ILE B 512 9.37 10.59 0.61
CA ILE B 512 8.12 9.99 0.10
C ILE B 512 8.35 9.32 -1.27
N TYR B 513 7.55 8.27 -1.54
CA TYR B 513 7.67 7.46 -2.77
C TYR B 513 6.30 6.86 -3.20
N PRO B 514 5.22 7.68 -3.37
CA PRO B 514 3.93 7.07 -3.77
C PRO B 514 3.95 6.42 -5.15
N ALA B 515 3.26 5.26 -5.25
CA ALA B 515 3.16 4.47 -6.47
C ALA B 515 1.72 4.37 -6.98
N VAL B 516 1.55 3.97 -8.25
CA VAL B 516 0.27 3.64 -8.88
C VAL B 516 0.20 2.13 -8.54
N GLU B 517 -0.71 1.74 -7.60
CA GLU B 517 -0.70 0.36 -7.13
C GLU B 517 -1.93 -0.50 -7.51
N GLY B 518 -2.81 0.01 -8.37
CA GLY B 518 -3.98 -0.73 -8.81
C GLY B 518 -5.26 -0.46 -8.03
N ARG B 519 -5.37 0.74 -7.40
CA ARG B 519 -6.53 1.17 -6.62
C ARG B 519 -7.75 1.41 -7.54
N ILE B 520 -7.48 1.82 -8.81
CA ILE B 520 -8.47 2.05 -9.88
C ILE B 520 -8.07 1.23 -11.12
N LYS B 521 -8.97 0.34 -11.58
CA LYS B 521 -8.76 -0.53 -12.74
C LYS B 521 -9.89 -0.43 -13.76
N PHE B 522 -9.59 -0.72 -15.05
CA PHE B 522 -10.54 -0.68 -16.17
C PHE B 522 -10.72 -2.09 -16.81
N SER B 523 -11.95 -2.40 -17.25
CA SER B 523 -12.33 -3.68 -17.86
C SER B 523 -12.63 -3.48 -19.35
#